data_8I7W
#
_entry.id   8I7W
#
_cell.length_a   1.00
_cell.length_b   1.00
_cell.length_c   1.00
_cell.angle_alpha   90.00
_cell.angle_beta   90.00
_cell.angle_gamma   90.00
#
_symmetry.space_group_name_H-M   'P 1'
#
loop_
_entity.id
_entity.type
_entity.pdbx_description
1 polymer 'Human hydroxycarboxylic acid receptor 2,Hydroxycarboxylic acid receptor 2'
2 polymer 'Guanine nucleotide-binding protein G(i) subunit alpha-1'
3 polymer 'Guanine nucleotide-binding protein G(I)/G(S)/G(T) subunit beta-1'
4 polymer 'Guanine nucleotide-binding protein G(I)/G(S)/G(O) subunit gamma-2'
5 polymer scFv16
6 non-polymer 8-chloranyl-3-pentyl-7H-purine-2,6-dione
#
loop_
_entity_poly.entity_id
_entity_poly.type
_entity_poly.pdbx_seq_one_letter_code
_entity_poly.pdbx_strand_id
1 'polypeptide(L)'
;GPGAPADLEDNWETLNDNLKVIEKADNAAQVKDALTKMRAAALDAQKATPPKLEDKSPDSPEMKDFRHGFDILVGQIDDA
LKLANEGKVKEAQAAAEQLKTTRNAYIQKYLEFMNRHHLQDHFLEIDKKNCCVFRDDFIVKVLPPVLGLEFIFGLLGNGL
ALWIFCFHLKSWKSSRIFLFNLAVADFLLIICLPFLMDNYVRRWDWKFGDIPCRLMLFMLAMNRQGSIIFLTVVAVDRYF
RVVHPHHALNKISNRTAAIISCLLWGITIGLTVHLLKKKMPIQNGGANLCSSFSICHTFQWHEAMFLLEFFLPLGIILFC
SARIIWSLRQRQMDRHAKIKRAITFIMVVAIVFVICFLPSVVVRIRIFWLLHTSGTQNCEVYRSVDLAFFITLSFTYMNS
MLDPVVYYFSSPSFPNFFSTLINRCLQRKMTGEPDNNRSTSVELTGDPNKTRGAPEALMANSGEPWSPSYLGPTSP
;
A
2 'polypeptide(L)'
;MGCTLSAEDKAAVERSKMIDRNLREDGEKAAREVKLLLLGAGESGKSTIVKQMKIIHEAGYSEEECKQYKAVVYSNTIQS
IIAIIRAMGRLKIDFGDSARADDARQLFVLAGAAEEGFMTAELAGVIKRLWKDSGVQACFNRSREYQLNDSAAYYLNDLD
RIAQPNYIPTQQDVLRTRVKTTGIVETHFTFKDLHFKMFDVGGQRSERKKWIHCFEGVTAIIFCVALSDYDLVLAEDEEM
NRMHESMKLFDSICNNKWFTDTSIILFLNKKDLFEEKIKKSPLTICYPEYAGSNTYEEAAAYIQCQFEDLNKRKDTKEIY
THFTCATDTKNVQFVFDAVTDVIIKNNLKDCGLF
;
B
3 'polypeptide(L)'
;GPGSSGSELDQLRQEAEQLKNQIRDARKACADATLSQITNNIDPVGRIQMRTRRTLRGHLAKIYAMHWGTDSRLLVSASQ
DGKLIIWDSYTTNKVHAIPLRSSWVMTCAYAPSGNYVACGGLDNICSIYNLKTREGNVRVSRELAGHTGYLSCCRFLDDN
QIVTSSGDTTCALWDIETGQQTTTFTGHTGDVMSLSLAPDTRLFVSGACDASAKLWDVREGMCRQTFTGHESDINAICFF
PNGNAFATGSDDATCRLFDLRADQELMTYSHDNIICGITSVSFSKSGRLLLAGYDDFNCNVWDALKADRAGVLAGHDNRV
SCLGVTDDGMAVATGSWDSFLKIWN
;
C
4 'polypeptide(L)' MASNNTASIAQARKLVEQLKMEANIDRIKVSKAAADLMAYCEAHAKEDPLLTPVPASENPFREKKFFCAILGSAGSAGSA D
5 'polypeptide(L)'
;DVQLVESGGGLVQPGGSRKLSCSASGFAFSSFGMHWVRQAPEKGLEWVAYISSGSGTIYYADTVKGRFTISRDDPKNTLF
LQMTSLRSEDTAMYYCVRSIYYYGSSPFDFWGQGTTLTVSSGGGGSGGGGSGGGGSDIVMTQATSSVPVTPGESVSISCR
SSKSLLHSNGNTYLYWFLQRPGQSPQLLIYRMSNLASGVPDRFSGSGSGTAFTLTISRLEAEDVGVYYCMQHLEYPLTFG
AGTKLELKAAALEVLFQ
;
E
#
# COMPACT_ATOMS: atom_id res chain seq x y z
N HIS A 122 -48.72 37.39 22.26
CA HIS A 122 -48.63 38.08 20.98
C HIS A 122 -47.33 38.88 20.87
N PHE A 123 -47.41 40.17 21.15
CA PHE A 123 -46.23 41.03 21.06
C PHE A 123 -45.23 40.69 22.15
N LEU A 124 -43.95 40.79 21.82
CA LEU A 124 -42.88 40.51 22.76
C LEU A 124 -41.62 41.24 22.31
N GLU A 125 -40.69 41.41 23.25
CA GLU A 125 -39.40 42.05 22.97
C GLU A 125 -38.29 41.06 23.32
N ILE A 126 -37.42 40.81 22.36
CA ILE A 126 -36.25 39.95 22.53
C ILE A 126 -35.03 40.72 22.06
N ASP A 127 -34.11 40.99 22.98
CA ASP A 127 -32.88 41.74 22.69
C ASP A 127 -33.19 43.06 22.00
N LYS A 128 -34.12 43.82 22.59
CA LYS A 128 -34.58 45.09 22.05
C LYS A 128 -35.09 44.92 20.62
N LYS A 129 -35.76 43.80 20.36
CA LYS A 129 -36.27 43.45 19.04
C LYS A 129 -37.74 43.10 19.16
N ASN A 130 -38.58 43.75 18.36
CA ASN A 130 -40.01 43.52 18.42
C ASN A 130 -40.35 42.25 17.65
N CYS A 131 -40.84 41.23 18.35
CA CYS A 131 -41.17 39.94 17.76
C CYS A 131 -42.57 39.55 18.17
N CYS A 132 -43.16 38.61 17.40
CA CYS A 132 -44.52 38.14 17.63
C CYS A 132 -44.51 36.61 17.68
N VAL A 133 -44.29 36.07 18.88
CA VAL A 133 -44.33 34.62 19.08
C VAL A 133 -45.79 34.18 19.17
N PHE A 134 -46.02 32.87 19.07
CA PHE A 134 -47.39 32.35 19.12
C PHE A 134 -47.38 30.93 19.64
N ARG A 135 -48.06 30.71 20.76
CA ARG A 135 -48.26 29.38 21.35
C ARG A 135 -49.74 29.04 21.16
N ASP A 136 -50.05 28.37 20.06
CA ASP A 136 -51.42 28.04 19.70
C ASP A 136 -51.63 26.53 19.71
N ASP A 137 -52.84 26.12 19.38
CA ASP A 137 -53.16 24.71 19.26
C ASP A 137 -52.89 24.26 17.82
N PHE A 138 -53.33 23.05 17.47
CA PHE A 138 -53.08 22.43 16.18
C PHE A 138 -51.60 22.17 15.96
N ILE A 139 -50.77 22.50 16.95
CA ILE A 139 -49.36 22.16 16.94
C ILE A 139 -49.10 20.80 17.59
N VAL A 140 -49.96 20.37 18.51
CA VAL A 140 -49.81 19.09 19.19
C VAL A 140 -50.67 18.06 18.49
N LYS A 141 -51.08 18.35 17.26
CA LYS A 141 -51.94 17.45 16.50
C LYS A 141 -51.22 16.85 15.31
N VAL A 142 -50.53 17.70 14.54
CA VAL A 142 -49.86 17.24 13.32
C VAL A 142 -48.38 16.97 13.58
N LEU A 143 -47.69 17.94 14.18
CA LEU A 143 -46.23 17.87 14.33
C LEU A 143 -45.72 16.67 15.12
N PRO A 144 -46.27 16.30 16.28
CA PRO A 144 -45.76 15.12 16.98
C PRO A 144 -46.01 13.79 16.28
N PRO A 145 -47.22 13.51 15.70
CA PRO A 145 -47.34 12.27 14.91
C PRO A 145 -46.35 12.15 13.76
N VAL A 146 -46.10 13.24 13.02
CA VAL A 146 -45.15 13.12 11.91
C VAL A 146 -43.73 12.99 12.44
N LEU A 147 -43.38 13.74 13.49
CA LEU A 147 -42.04 13.68 14.03
C LEU A 147 -41.72 12.30 14.60
N GLY A 148 -42.68 11.67 15.26
CA GLY A 148 -42.43 10.35 15.82
C GLY A 148 -42.12 9.31 14.75
N LEU A 149 -42.93 9.29 13.69
CA LEU A 149 -42.67 8.36 12.60
C LEU A 149 -41.37 8.69 11.89
N GLU A 150 -41.07 9.98 11.74
CA GLU A 150 -39.79 10.39 11.17
C GLU A 150 -38.63 9.82 11.97
N PHE A 151 -38.70 9.94 13.30
CA PHE A 151 -37.65 9.43 14.16
C PHE A 151 -37.53 7.92 14.06
N ILE A 152 -38.65 7.20 14.13
CA ILE A 152 -38.60 5.74 14.14
C ILE A 152 -38.27 5.14 12.77
N PHE A 153 -38.41 5.90 11.69
CA PHE A 153 -37.94 5.42 10.40
C PHE A 153 -36.50 5.82 10.12
N GLY A 154 -36.11 7.04 10.50
CA GLY A 154 -34.73 7.46 10.34
C GLY A 154 -33.77 6.65 11.18
N LEU A 155 -34.21 6.23 12.37
CA LEU A 155 -33.35 5.37 13.19
C LEU A 155 -32.97 4.12 12.42
N LEU A 156 -33.95 3.40 11.87
CA LEU A 156 -33.66 2.16 11.17
C LEU A 156 -32.85 2.42 9.91
N GLY A 157 -33.26 3.42 9.11
CA GLY A 157 -32.55 3.68 7.87
C GLY A 157 -31.09 4.06 8.09
N ASN A 158 -30.84 5.01 9.00
CA ASN A 158 -29.49 5.47 9.25
C ASN A 158 -28.67 4.42 10.00
N GLY A 159 -29.30 3.60 10.85
CA GLY A 159 -28.57 2.51 11.47
C GLY A 159 -28.11 1.49 10.46
N LEU A 160 -28.97 1.12 9.51
CA LEU A 160 -28.55 0.22 8.46
C LEU A 160 -27.46 0.84 7.58
N ALA A 161 -27.58 2.13 7.27
CA ALA A 161 -26.56 2.79 6.47
C ALA A 161 -25.21 2.80 7.19
N LEU A 162 -25.21 3.14 8.47
CA LEU A 162 -23.96 3.18 9.23
C LEU A 162 -23.39 1.77 9.43
N TRP A 163 -24.25 0.77 9.57
CA TRP A 163 -23.78 -0.61 9.66
C TRP A 163 -23.10 -1.04 8.37
N ILE A 164 -23.73 -0.77 7.22
CA ILE A 164 -23.13 -1.12 5.94
C ILE A 164 -21.92 -0.27 5.62
N PHE A 165 -21.76 0.88 6.27
CA PHE A 165 -20.61 1.74 6.02
C PHE A 165 -19.41 1.38 6.89
N CYS A 166 -19.57 1.48 8.21
CA CYS A 166 -18.43 1.34 9.10
C CYS A 166 -17.96 -0.11 9.20
N PHE A 167 -18.89 -1.05 9.39
CA PHE A 167 -18.53 -2.42 9.75
C PHE A 167 -18.55 -3.38 8.56
N HIS A 168 -19.71 -3.52 7.90
CA HIS A 168 -19.88 -4.59 6.93
C HIS A 168 -19.09 -4.37 5.65
N LEU A 169 -18.65 -3.15 5.38
CA LEU A 169 -17.88 -2.84 4.18
C LEU A 169 -16.57 -2.17 4.57
N LYS A 170 -15.48 -2.60 3.93
CA LYS A 170 -14.15 -2.01 4.15
C LYS A 170 -13.60 -1.60 2.78
N SER A 171 -14.01 -0.42 2.32
CA SER A 171 -13.45 0.18 1.12
C SER A 171 -13.83 1.67 1.15
N TRP A 172 -12.85 2.53 1.34
CA TRP A 172 -13.09 3.97 1.50
C TRP A 172 -12.64 4.69 0.24
N LYS A 173 -13.59 5.05 -0.61
CA LYS A 173 -13.36 5.88 -1.77
C LYS A 173 -13.79 7.31 -1.48
N SER A 174 -13.29 8.25 -2.30
CA SER A 174 -13.46 9.67 -2.00
C SER A 174 -14.92 10.06 -1.95
N SER A 175 -15.74 9.58 -2.89
CA SER A 175 -17.17 9.86 -2.83
C SER A 175 -17.83 9.20 -1.63
N ARG A 176 -17.33 8.03 -1.24
CA ARG A 176 -17.89 7.35 -0.07
C ARG A 176 -17.61 8.11 1.22
N ILE A 177 -16.49 8.83 1.30
CA ILE A 177 -16.25 9.66 2.47
C ILE A 177 -17.31 10.75 2.59
N PHE A 178 -17.63 11.41 1.47
CA PHE A 178 -18.66 12.43 1.49
C PHE A 178 -20.02 11.83 1.84
N LEU A 179 -20.33 10.66 1.29
CA LEU A 179 -21.58 9.99 1.63
C LEU A 179 -21.63 9.64 3.12
N PHE A 180 -20.51 9.19 3.68
CA PHE A 180 -20.46 8.88 5.10
C PHE A 180 -20.65 10.14 5.95
N ASN A 181 -20.06 11.26 5.51
CA ASN A 181 -20.27 12.52 6.22
C ASN A 181 -21.74 12.90 6.22
N LEU A 182 -22.39 12.78 5.07
CA LEU A 182 -23.83 13.05 5.00
C LEU A 182 -24.62 12.13 5.92
N ALA A 183 -24.24 10.85 5.95
CA ALA A 183 -24.91 9.89 6.82
C ALA A 183 -24.73 10.25 8.29
N VAL A 184 -23.52 10.68 8.67
CA VAL A 184 -23.27 11.07 10.05
C VAL A 184 -24.13 12.27 10.42
N ALA A 185 -24.18 13.27 9.54
CA ALA A 185 -25.01 14.44 9.81
C ALA A 185 -26.48 14.05 9.94
N ASP A 186 -26.96 13.18 9.05
CA ASP A 186 -28.36 12.76 9.10
C ASP A 186 -28.64 11.99 10.39
N PHE A 187 -27.73 11.11 10.80
CA PHE A 187 -27.93 10.35 12.03
C PHE A 187 -27.96 11.25 13.24
N LEU A 188 -27.06 12.23 13.31
CA LEU A 188 -27.06 13.15 14.45
C LEU A 188 -28.34 13.97 14.47
N LEU A 189 -28.80 14.41 13.31
CA LEU A 189 -30.06 15.15 13.24
C LEU A 189 -31.24 14.28 13.70
N ILE A 190 -31.25 13.00 13.28
CA ILE A 190 -32.33 12.11 13.69
C ILE A 190 -32.30 11.89 15.20
N ILE A 191 -31.10 11.73 15.77
CA ILE A 191 -31.00 11.60 17.22
C ILE A 191 -31.53 12.85 17.91
N CYS A 192 -31.19 14.03 17.38
CA CYS A 192 -31.70 15.27 17.94
C CYS A 192 -33.22 15.36 17.83
N LEU A 193 -33.80 14.71 16.82
CA LEU A 193 -35.23 14.81 16.59
C LEU A 193 -36.08 14.38 17.78
N PRO A 194 -35.74 13.35 18.54
CA PRO A 194 -36.62 12.95 19.66
C PRO A 194 -36.86 14.08 20.67
N PHE A 195 -35.84 14.90 20.94
CA PHE A 195 -36.04 16.04 21.82
C PHE A 195 -37.00 17.05 21.21
N LEU A 196 -36.94 17.23 19.89
CA LEU A 196 -37.91 18.09 19.22
C LEU A 196 -39.33 17.54 19.39
N MET A 197 -39.49 16.23 19.24
CA MET A 197 -40.82 15.64 19.44
C MET A 197 -41.31 15.86 20.85
N ASP A 198 -40.42 15.69 21.84
CA ASP A 198 -40.79 15.96 23.22
C ASP A 198 -41.17 17.42 23.43
N ASN A 199 -40.46 18.33 22.77
CA ASN A 199 -40.74 19.76 22.92
C ASN A 199 -42.11 20.11 22.36
N TYR A 200 -42.38 19.70 21.11
CA TYR A 200 -43.69 20.00 20.52
C TYR A 200 -44.83 19.28 21.21
N VAL A 201 -44.58 18.12 21.83
CA VAL A 201 -45.63 17.46 22.58
C VAL A 201 -46.11 18.34 23.74
N ARG A 202 -45.18 18.99 24.43
CA ARG A 202 -45.48 19.83 25.57
C ARG A 202 -46.09 21.18 25.18
N ARG A 203 -46.45 21.37 23.92
CA ARG A 203 -47.03 22.62 23.42
C ARG A 203 -46.09 23.80 23.69
N TRP A 204 -44.89 23.70 23.12
CA TRP A 204 -43.86 24.73 23.21
C TRP A 204 -43.51 25.05 24.67
N ASP A 205 -42.99 24.03 25.35
CA ASP A 205 -42.53 24.18 26.74
C ASP A 205 -41.28 23.33 26.92
N TRP A 206 -40.12 23.96 26.81
CA TRP A 206 -38.84 23.27 26.96
C TRP A 206 -38.61 23.00 28.44
N LYS A 207 -38.67 21.73 28.84
CA LYS A 207 -38.52 21.33 30.24
C LYS A 207 -37.20 20.59 30.47
N PHE A 208 -36.14 21.06 29.82
CA PHE A 208 -34.82 20.44 29.92
C PHE A 208 -33.82 21.32 30.64
N GLY A 209 -33.62 22.55 30.17
CA GLY A 209 -32.65 23.44 30.77
C GLY A 209 -32.22 24.50 29.77
N ASP A 210 -31.15 25.20 30.13
CA ASP A 210 -30.61 26.27 29.30
C ASP A 210 -29.45 25.81 28.43
N ILE A 211 -28.48 25.10 29.00
CA ILE A 211 -27.41 24.53 28.19
C ILE A 211 -27.94 23.53 27.16
N PRO A 212 -28.82 22.58 27.52
CA PRO A 212 -29.36 21.68 26.49
C PRO A 212 -30.10 22.40 25.38
N CYS A 213 -30.79 23.50 25.69
CA CYS A 213 -31.54 24.21 24.64
C CYS A 213 -30.60 24.84 23.62
N ARG A 214 -29.58 25.57 24.08
CA ARG A 214 -28.62 26.16 23.16
C ARG A 214 -27.88 25.08 22.39
N LEU A 215 -27.50 23.99 23.08
CA LEU A 215 -26.83 22.89 22.39
C LEU A 215 -27.72 22.30 21.31
N MET A 216 -29.02 22.14 21.60
CA MET A 216 -29.95 21.56 20.64
C MET A 216 -30.13 22.46 19.43
N LEU A 217 -30.27 23.77 19.66
CA LEU A 217 -30.39 24.70 18.54
C LEU A 217 -29.12 24.69 17.68
N PHE A 218 -27.96 24.68 18.34
CA PHE A 218 -26.69 24.63 17.63
C PHE A 218 -26.59 23.37 16.78
N MET A 219 -26.95 22.21 17.36
CA MET A 219 -26.90 20.96 16.61
C MET A 219 -27.87 20.98 15.44
N LEU A 220 -29.10 21.46 15.67
CA LEU A 220 -30.08 21.50 14.59
C LEU A 220 -29.54 22.31 13.42
N ALA A 221 -29.09 23.53 13.68
CA ALA A 221 -28.60 24.38 12.60
C ALA A 221 -27.37 23.77 11.94
N MET A 222 -26.43 23.26 12.76
CA MET A 222 -25.16 22.80 12.23
C MET A 222 -25.33 21.58 11.34
N ASN A 223 -26.10 20.58 11.78
CA ASN A 223 -26.29 19.43 10.90
C ASN A 223 -27.27 19.68 9.77
N ARG A 224 -28.21 20.61 9.87
CA ARG A 224 -28.98 20.97 8.68
C ARG A 224 -28.06 21.56 7.61
N GLN A 225 -27.24 22.53 8.00
CA GLN A 225 -26.31 23.13 7.04
C GLN A 225 -25.31 22.12 6.54
N GLY A 226 -24.87 21.20 7.41
CA GLY A 226 -23.94 20.18 6.98
C GLY A 226 -24.55 19.21 5.98
N SER A 227 -25.80 18.81 6.20
CA SER A 227 -26.49 17.96 5.24
C SER A 227 -26.61 18.66 3.89
N ILE A 228 -26.98 19.94 3.90
CA ILE A 228 -27.11 20.66 2.63
C ILE A 228 -25.76 20.80 1.95
N ILE A 229 -24.71 21.12 2.72
CA ILE A 229 -23.38 21.32 2.14
C ILE A 229 -22.85 20.03 1.56
N PHE A 230 -23.03 18.91 2.26
CA PHE A 230 -22.54 17.64 1.75
C PHE A 230 -23.36 17.14 0.57
N LEU A 231 -24.67 17.45 0.54
CA LEU A 231 -25.45 17.17 -0.65
C LEU A 231 -24.91 17.95 -1.85
N THR A 232 -24.58 19.22 -1.64
CA THR A 232 -23.99 20.02 -2.71
C THR A 232 -22.64 19.45 -3.14
N VAL A 233 -21.83 18.99 -2.18
CA VAL A 233 -20.53 18.44 -2.49
C VAL A 233 -20.66 17.14 -3.30
N VAL A 234 -21.62 16.29 -2.93
CA VAL A 234 -21.86 15.07 -3.71
C VAL A 234 -22.31 15.43 -5.12
N ALA A 235 -23.20 16.42 -5.24
CA ALA A 235 -23.66 16.83 -6.57
C ALA A 235 -22.50 17.36 -7.41
N VAL A 236 -21.62 18.17 -6.81
CA VAL A 236 -20.47 18.70 -7.54
C VAL A 236 -19.53 17.58 -7.93
N ASP A 237 -19.34 16.60 -7.06
CA ASP A 237 -18.50 15.45 -7.39
C ASP A 237 -19.06 14.69 -8.57
N ARG A 238 -20.39 14.47 -8.59
CA ARG A 238 -21.00 13.80 -9.73
C ARG A 238 -20.86 14.62 -11.00
N TYR A 239 -21.00 15.94 -10.89
CA TYR A 239 -20.82 16.82 -12.04
C TYR A 239 -19.41 16.68 -12.60
N PHE A 240 -18.40 16.65 -11.73
CA PHE A 240 -17.04 16.48 -12.21
C PHE A 240 -16.80 15.09 -12.78
N ARG A 241 -17.43 14.06 -12.19
CA ARG A 241 -17.26 12.71 -12.72
C ARG A 241 -17.85 12.57 -14.11
N VAL A 242 -19.00 13.20 -14.35
CA VAL A 242 -19.74 12.96 -15.59
C VAL A 242 -19.33 13.93 -16.69
N VAL A 243 -19.22 15.21 -16.38
CA VAL A 243 -18.97 16.22 -17.42
C VAL A 243 -17.48 16.42 -17.65
N HIS A 244 -16.67 16.42 -16.60
CA HIS A 244 -15.24 16.69 -16.68
C HIS A 244 -14.46 15.46 -16.21
N PRO A 245 -14.50 14.36 -16.96
CA PRO A 245 -13.89 13.11 -16.47
C PRO A 245 -12.39 13.18 -16.31
N HIS A 246 -11.71 14.12 -16.98
CA HIS A 246 -10.26 14.18 -16.97
C HIS A 246 -9.71 15.22 -16.02
N HIS A 247 -10.54 15.80 -15.16
CA HIS A 247 -10.07 16.79 -14.22
C HIS A 247 -9.37 16.12 -13.04
N ALA A 248 -8.59 16.92 -12.31
CA ALA A 248 -7.85 16.38 -11.18
C ALA A 248 -8.78 15.96 -10.04
N LEU A 249 -9.84 16.75 -9.80
CA LEU A 249 -10.71 16.52 -8.66
C LEU A 249 -11.47 15.20 -8.76
N ASN A 250 -11.29 14.47 -9.86
CA ASN A 250 -11.91 13.17 -10.02
C ASN A 250 -11.03 12.02 -9.51
N LYS A 251 -9.78 12.30 -9.14
CA LYS A 251 -8.88 11.25 -8.66
C LYS A 251 -8.08 11.75 -7.47
N ILE A 252 -8.72 12.49 -6.57
CA ILE A 252 -8.00 13.04 -5.42
C ILE A 252 -7.65 11.92 -4.45
N SER A 253 -6.72 12.22 -3.55
CA SER A 253 -6.28 11.29 -2.52
C SER A 253 -7.19 11.38 -1.31
N ASN A 254 -7.08 10.37 -0.44
CA ASN A 254 -7.90 10.34 0.76
C ASN A 254 -7.54 11.47 1.73
N ARG A 255 -6.26 11.85 1.77
CA ARG A 255 -5.85 12.95 2.65
C ARG A 255 -6.56 14.24 2.27
N THR A 256 -6.59 14.56 0.98
CA THR A 256 -7.26 15.79 0.54
C THR A 256 -8.75 15.73 0.81
N ALA A 257 -9.38 14.58 0.61
CA ALA A 257 -10.80 14.45 0.87
C ALA A 257 -11.11 14.62 2.35
N ALA A 258 -10.29 14.04 3.22
CA ALA A 258 -10.50 14.22 4.66
C ALA A 258 -10.27 15.67 5.07
N ILE A 259 -9.27 16.33 4.48
CA ILE A 259 -9.04 17.74 4.77
C ILE A 259 -10.23 18.58 4.34
N ILE A 260 -10.79 18.29 3.17
CA ILE A 260 -11.96 19.03 2.69
C ILE A 260 -13.15 18.79 3.61
N SER A 261 -13.33 17.54 4.06
CA SER A 261 -14.43 17.23 4.97
C SER A 261 -14.29 18.02 6.26
N CYS A 262 -13.09 18.02 6.84
CA CYS A 262 -12.86 18.77 8.07
C CYS A 262 -13.06 20.27 7.85
N LEU A 263 -12.64 20.78 6.68
CA LEU A 263 -12.81 22.19 6.39
C LEU A 263 -14.29 22.55 6.29
N LEU A 264 -15.09 21.70 5.65
CA LEU A 264 -16.53 21.97 5.54
C LEU A 264 -17.19 21.92 6.90
N TRP A 265 -16.82 20.93 7.72
CA TRP A 265 -17.36 20.89 9.08
C TRP A 265 -16.98 22.15 9.86
N GLY A 266 -15.73 22.59 9.72
CA GLY A 266 -15.30 23.80 10.39
C GLY A 266 -16.06 25.03 9.92
N ILE A 267 -16.34 25.10 8.62
CA ILE A 267 -17.14 26.20 8.09
C ILE A 267 -18.54 26.18 8.71
N THR A 268 -19.13 25.00 8.83
CA THR A 268 -20.46 24.91 9.43
C THR A 268 -20.43 25.39 10.88
N ILE A 269 -19.47 24.92 11.67
CA ILE A 269 -19.40 25.38 13.06
C ILE A 269 -19.13 26.87 13.11
N GLY A 270 -18.29 27.39 12.21
CA GLY A 270 -18.04 28.82 12.19
C GLY A 270 -19.27 29.63 11.87
N LEU A 271 -20.17 29.08 11.04
CA LEU A 271 -21.42 29.77 10.74
C LEU A 271 -22.47 29.60 11.82
N THR A 272 -22.33 28.63 12.73
CA THR A 272 -23.34 28.44 13.77
C THR A 272 -22.87 28.70 15.21
N VAL A 273 -21.63 29.15 15.44
CA VAL A 273 -21.31 29.57 16.81
C VAL A 273 -22.17 30.75 17.24
N HIS A 274 -22.60 31.58 16.28
CA HIS A 274 -23.45 32.71 16.67
C HIS A 274 -24.80 32.24 17.18
N LEU A 275 -25.34 31.15 16.61
CA LEU A 275 -26.51 30.52 17.21
C LEU A 275 -26.17 29.88 18.55
N LEU A 276 -24.96 29.34 18.67
CA LEU A 276 -24.54 28.74 19.93
C LEU A 276 -24.48 29.78 21.06
N LYS A 277 -24.23 31.05 20.72
CA LYS A 277 -23.96 32.06 21.73
C LYS A 277 -25.06 33.11 21.90
N LYS A 278 -26.00 33.22 20.96
CA LYS A 278 -26.84 34.41 20.89
C LYS A 278 -27.80 34.53 22.06
N LYS A 279 -28.47 33.45 22.45
CA LYS A 279 -29.45 33.55 23.54
C LYS A 279 -29.71 32.19 24.17
N MET A 280 -30.47 32.23 25.27
CA MET A 280 -30.89 31.09 26.08
C MET A 280 -32.40 30.92 25.96
N PRO A 281 -33.00 29.90 26.59
CA PRO A 281 -34.46 29.81 26.60
C PRO A 281 -35.09 31.07 27.18
N ILE A 282 -36.21 31.48 26.60
CA ILE A 282 -36.85 32.74 26.93
C ILE A 282 -38.19 32.46 27.60
N GLN A 283 -38.39 33.04 28.78
CA GLN A 283 -39.66 32.94 29.48
C GLN A 283 -40.72 33.79 28.78
N ASN A 284 -41.93 33.23 28.66
CA ASN A 284 -43.05 33.97 28.09
C ASN A 284 -44.34 33.38 28.63
N GLY A 285 -45.28 34.26 28.94
CA GLY A 285 -46.54 33.84 29.52
C GLY A 285 -46.35 33.05 30.80
N GLY A 286 -46.67 31.76 30.75
CA GLY A 286 -46.46 30.88 31.87
C GLY A 286 -45.46 29.78 31.59
N ALA A 287 -44.89 29.78 30.38
CA ALA A 287 -43.96 28.73 29.98
C ALA A 287 -42.66 29.31 29.42
N ASN A 288 -41.82 28.46 28.85
CA ASN A 288 -40.56 28.90 28.26
C ASN A 288 -40.48 28.40 26.83
N LEU A 289 -39.93 29.22 25.95
CA LEU A 289 -39.74 28.88 24.55
C LEU A 289 -38.25 28.80 24.25
N CYS A 290 -37.86 27.76 23.51
CA CYS A 290 -36.49 27.55 23.10
C CYS A 290 -36.51 27.43 21.58
N SER A 291 -36.37 28.57 20.89
CA SER A 291 -36.47 28.59 19.45
C SER A 291 -35.52 29.65 18.89
N SER A 292 -35.11 29.42 17.64
CA SER A 292 -34.30 30.39 16.91
C SER A 292 -34.98 30.92 15.66
N PHE A 293 -35.99 30.23 15.14
CA PHE A 293 -36.70 30.65 13.94
C PHE A 293 -37.93 31.48 14.28
N SER A 294 -37.75 32.50 15.11
CA SER A 294 -38.84 33.39 15.45
C SER A 294 -39.10 34.36 14.30
N ILE A 295 -40.02 35.30 14.51
CA ILE A 295 -40.33 36.33 13.53
C ILE A 295 -40.16 37.68 14.22
N CYS A 296 -39.19 38.46 13.75
CA CYS A 296 -38.88 39.76 14.33
C CYS A 296 -38.64 40.76 13.21
N HIS A 297 -38.85 42.03 13.52
CA HIS A 297 -38.73 43.10 12.51
C HIS A 297 -37.28 43.53 12.38
N THR A 298 -36.45 42.57 11.97
CA THR A 298 -35.05 42.84 11.62
C THR A 298 -34.57 41.72 10.72
N PHE A 299 -33.56 42.04 9.92
CA PHE A 299 -32.92 41.09 9.01
C PHE A 299 -31.52 40.83 9.52
N GLN A 300 -31.38 39.85 10.41
CA GLN A 300 -30.09 39.50 10.98
C GLN A 300 -29.33 38.63 10.00
N TRP A 301 -28.21 38.06 10.44
CA TRP A 301 -27.47 37.11 9.62
C TRP A 301 -28.15 35.75 9.56
N HIS A 302 -28.97 35.42 10.56
CA HIS A 302 -29.57 34.08 10.63
C HIS A 302 -30.52 33.83 9.48
N GLU A 303 -31.48 34.73 9.26
CA GLU A 303 -32.45 34.52 8.19
C GLU A 303 -31.82 34.62 6.83
N ALA A 304 -30.88 35.55 6.65
CA ALA A 304 -30.13 35.62 5.40
C ALA A 304 -29.32 34.35 5.19
N MET A 305 -28.78 33.78 6.27
CA MET A 305 -28.04 32.53 6.14
C MET A 305 -28.96 31.39 5.75
N PHE A 306 -30.19 31.37 6.26
CA PHE A 306 -31.16 30.36 5.83
C PHE A 306 -31.48 30.50 4.34
N LEU A 307 -31.74 31.74 3.90
CA LEU A 307 -32.05 31.96 2.49
C LEU A 307 -30.87 31.57 1.61
N LEU A 308 -29.65 31.86 2.05
CA LEU A 308 -28.47 31.48 1.28
C LEU A 308 -28.28 29.97 1.26
N GLU A 309 -28.40 29.32 2.42
CA GLU A 309 -28.23 27.87 2.53
C GLU A 309 -29.31 27.12 1.79
N PHE A 310 -30.38 27.80 1.39
CA PHE A 310 -31.22 27.15 0.38
C PHE A 310 -30.82 27.54 -1.04
N PHE A 311 -30.71 28.85 -1.33
CA PHE A 311 -30.65 29.31 -2.71
C PHE A 311 -29.33 28.94 -3.39
N LEU A 312 -28.19 29.23 -2.74
CA LEU A 312 -26.91 28.93 -3.38
C LEU A 312 -26.73 27.44 -3.65
N PRO A 313 -26.92 26.54 -2.70
CA PRO A 313 -26.89 25.11 -3.05
C PRO A 313 -27.98 24.73 -4.04
N LEU A 314 -29.13 25.42 -4.01
CA LEU A 314 -30.15 25.16 -5.03
C LEU A 314 -29.59 25.44 -6.42
N GLY A 315 -28.93 26.58 -6.59
CA GLY A 315 -28.35 26.88 -7.88
C GLY A 315 -27.25 25.90 -8.27
N ILE A 316 -26.38 25.56 -7.32
CA ILE A 316 -25.28 24.65 -7.63
C ILE A 316 -25.81 23.28 -8.02
N ILE A 317 -26.77 22.75 -7.25
CA ILE A 317 -27.33 21.44 -7.53
C ILE A 317 -28.08 21.45 -8.86
N LEU A 318 -28.86 22.50 -9.13
CA LEU A 318 -29.58 22.56 -10.39
C LEU A 318 -28.62 22.62 -11.57
N PHE A 319 -27.58 23.45 -11.48
CA PHE A 319 -26.61 23.54 -12.56
C PHE A 319 -25.91 22.20 -12.78
N CYS A 320 -25.48 21.56 -11.69
CA CYS A 320 -24.78 20.28 -11.82
C CYS A 320 -25.69 19.21 -12.42
N SER A 321 -26.94 19.13 -11.95
CA SER A 321 -27.85 18.12 -12.47
C SER A 321 -28.18 18.38 -13.93
N ALA A 322 -28.43 19.64 -14.29
CA ALA A 322 -28.73 19.94 -15.69
C ALA A 322 -27.54 19.62 -16.59
N ARG A 323 -26.33 19.95 -16.16
CA ARG A 323 -25.17 19.64 -16.97
C ARG A 323 -24.95 18.13 -17.08
N ILE A 324 -25.17 17.40 -16.00
CA ILE A 324 -25.03 15.94 -16.06
C ILE A 324 -26.02 15.35 -17.05
N ILE A 325 -27.29 15.78 -16.96
CA ILE A 325 -28.30 15.25 -17.87
C ILE A 325 -27.95 15.60 -19.31
N TRP A 326 -27.59 16.85 -19.56
CA TRP A 326 -27.29 17.28 -20.92
C TRP A 326 -26.09 16.55 -21.50
N SER A 327 -25.03 16.39 -20.71
CA SER A 327 -23.84 15.70 -21.19
C SER A 327 -24.11 14.23 -21.45
N LEU A 328 -24.82 13.57 -20.54
CA LEU A 328 -25.12 12.15 -20.72
C LEU A 328 -25.99 11.93 -21.95
N ARG A 329 -26.97 12.81 -22.18
CA ARG A 329 -27.82 12.66 -23.36
C ARG A 329 -27.08 13.03 -24.64
N GLN A 330 -26.18 14.01 -24.59
CA GLN A 330 -25.50 14.45 -25.79
C GLN A 330 -24.43 13.46 -26.22
N ARG A 331 -23.71 12.87 -25.26
CA ARG A 331 -22.65 11.93 -25.60
C ARG A 331 -23.18 10.56 -26.00
N GLN A 332 -24.48 10.45 -26.28
CA GLN A 332 -25.11 9.19 -26.69
C GLN A 332 -24.84 8.09 -25.66
N MET A 333 -25.38 8.31 -24.45
CA MET A 333 -25.24 7.34 -23.38
C MET A 333 -26.57 6.83 -22.85
N ASP A 334 -27.70 7.40 -23.26
CA ASP A 334 -28.99 6.98 -22.75
C ASP A 334 -29.36 5.56 -23.17
N ARG A 335 -28.63 4.96 -24.11
CA ARG A 335 -28.91 3.58 -24.50
C ARG A 335 -28.64 2.62 -23.35
N HIS A 336 -27.61 2.90 -22.55
CA HIS A 336 -27.23 1.99 -21.48
C HIS A 336 -28.35 1.89 -20.44
N ALA A 337 -28.41 0.71 -19.79
CA ALA A 337 -29.53 0.42 -18.89
C ALA A 337 -29.34 1.11 -17.54
N LYS A 338 -28.23 0.81 -16.84
CA LYS A 338 -28.05 1.35 -15.50
C LYS A 338 -27.86 2.86 -15.52
N ILE A 339 -27.42 3.41 -16.65
CA ILE A 339 -27.26 4.86 -16.73
C ILE A 339 -28.61 5.54 -16.68
N LYS A 340 -29.66 4.88 -17.19
CA LYS A 340 -31.00 5.45 -17.08
C LYS A 340 -31.44 5.51 -15.62
N ARG A 341 -31.13 4.46 -14.85
CA ARG A 341 -31.40 4.49 -13.42
C ARG A 341 -30.61 5.60 -12.74
N ALA A 342 -29.35 5.79 -13.14
CA ALA A 342 -28.55 6.87 -12.57
C ALA A 342 -29.16 8.24 -12.86
N ILE A 343 -29.62 8.43 -14.10
CA ILE A 343 -30.24 9.70 -14.47
C ILE A 343 -31.51 9.93 -13.66
N THR A 344 -32.36 8.90 -13.57
CA THR A 344 -33.60 9.09 -12.83
C THR A 344 -33.34 9.30 -11.35
N PHE A 345 -32.27 8.71 -10.80
CA PHE A 345 -31.97 8.89 -9.39
C PHE A 345 -31.39 10.27 -9.10
N ILE A 346 -30.52 10.80 -9.96
CA ILE A 346 -30.07 12.18 -9.73
C ILE A 346 -31.24 13.15 -9.90
N MET A 347 -32.15 12.85 -10.83
CA MET A 347 -33.33 13.69 -11.01
C MET A 347 -34.21 13.68 -9.77
N VAL A 348 -34.46 12.50 -9.19
CA VAL A 348 -35.32 12.46 -8.01
C VAL A 348 -34.59 13.06 -6.82
N VAL A 349 -33.26 12.98 -6.78
CA VAL A 349 -32.51 13.66 -5.72
C VAL A 349 -32.76 15.16 -5.78
N ALA A 350 -32.63 15.74 -6.98
CA ALA A 350 -32.90 17.17 -7.12
C ALA A 350 -34.35 17.51 -6.76
N ILE A 351 -35.29 16.69 -7.23
CA ILE A 351 -36.70 16.95 -7.00
C ILE A 351 -37.03 16.87 -5.51
N VAL A 352 -36.49 15.88 -4.82
CA VAL A 352 -36.80 15.72 -3.40
C VAL A 352 -36.14 16.83 -2.58
N PHE A 353 -34.94 17.25 -2.98
CA PHE A 353 -34.33 18.40 -2.31
C PHE A 353 -35.23 19.63 -2.44
N VAL A 354 -35.69 19.91 -3.66
CA VAL A 354 -36.55 21.07 -3.88
C VAL A 354 -37.84 20.95 -3.09
N ILE A 355 -38.46 19.76 -3.13
CA ILE A 355 -39.75 19.56 -2.45
C ILE A 355 -39.60 19.73 -0.94
N CYS A 356 -38.51 19.20 -0.39
CA CYS A 356 -38.32 19.25 1.06
C CYS A 356 -37.93 20.63 1.55
N PHE A 357 -37.20 21.41 0.74
CA PHE A 357 -36.70 22.69 1.20
C PHE A 357 -37.45 23.89 0.65
N LEU A 358 -38.46 23.68 -0.21
CA LEU A 358 -39.17 24.81 -0.81
C LEU A 358 -40.24 25.41 0.11
N PRO A 359 -41.12 24.62 0.74
CA PRO A 359 -42.18 25.24 1.55
C PRO A 359 -41.66 26.11 2.68
N SER A 360 -40.56 25.70 3.33
CA SER A 360 -40.02 26.49 4.43
C SER A 360 -39.57 27.86 3.95
N VAL A 361 -38.76 27.90 2.89
CA VAL A 361 -38.28 29.18 2.39
C VAL A 361 -39.42 30.00 1.80
N VAL A 362 -40.42 29.36 1.21
CA VAL A 362 -41.54 30.10 0.65
C VAL A 362 -42.33 30.79 1.75
N VAL A 363 -42.61 30.06 2.83
CA VAL A 363 -43.32 30.67 3.95
C VAL A 363 -42.46 31.74 4.62
N ARG A 364 -41.14 31.55 4.65
CA ARG A 364 -40.26 32.57 5.22
C ARG A 364 -40.29 33.85 4.39
N ILE A 365 -40.28 33.71 3.06
CA ILE A 365 -40.35 34.90 2.21
C ILE A 365 -41.71 35.56 2.35
N ARG A 366 -42.78 34.76 2.45
CA ARG A 366 -44.11 35.33 2.61
C ARG A 366 -44.22 36.10 3.93
N ILE A 367 -43.69 35.55 5.01
CA ILE A 367 -43.75 36.27 6.29
C ILE A 367 -42.84 37.49 6.27
N PHE A 368 -41.72 37.43 5.52
CA PHE A 368 -40.91 38.63 5.33
C PHE A 368 -41.68 39.72 4.62
N TRP A 369 -42.43 39.35 3.58
CA TRP A 369 -43.23 40.34 2.86
C TRP A 369 -44.33 40.91 3.74
N LEU A 370 -45.02 40.04 4.48
CA LEU A 370 -46.03 40.50 5.44
C LEU A 370 -45.41 41.30 6.58
N LEU A 371 -44.10 41.18 6.78
CA LEU A 371 -43.41 41.95 7.80
C LEU A 371 -43.08 43.35 7.31
N HIS A 372 -42.45 43.45 6.13
CA HIS A 372 -42.06 44.75 5.62
C HIS A 372 -43.29 45.62 5.34
N THR A 373 -44.24 45.10 4.58
CA THR A 373 -45.52 45.78 4.39
C THR A 373 -46.36 45.57 5.65
N SER A 374 -46.86 46.67 6.21
CA SER A 374 -47.50 46.66 7.54
C SER A 374 -46.46 46.14 8.52
N GLY A 375 -46.76 45.14 9.33
CA GLY A 375 -45.76 44.60 10.23
C GLY A 375 -45.85 45.23 11.61
N THR A 376 -45.41 44.47 12.62
CA THR A 376 -45.48 44.85 14.03
C THR A 376 -46.89 45.28 14.44
N GLN A 377 -47.89 44.86 13.67
CA GLN A 377 -49.28 45.16 13.96
C GLN A 377 -49.81 44.10 14.92
N ASN A 378 -51.13 43.98 15.03
CA ASN A 378 -51.79 42.99 15.88
C ASN A 378 -51.17 41.60 15.74
N CYS A 379 -50.58 41.32 14.58
CA CYS A 379 -49.80 40.12 14.30
C CYS A 379 -50.63 38.85 14.23
N GLU A 380 -51.97 38.96 14.33
CA GLU A 380 -52.80 37.80 14.07
C GLU A 380 -52.67 37.34 12.62
N VAL A 381 -52.46 38.28 11.70
CA VAL A 381 -52.26 37.94 10.30
C VAL A 381 -51.02 37.06 10.13
N TYR A 382 -50.05 37.19 11.04
CA TYR A 382 -48.90 36.29 11.02
C TYR A 382 -49.32 34.85 11.31
N ARG A 383 -50.22 34.67 12.28
CA ARG A 383 -50.54 33.32 12.76
C ARG A 383 -51.04 32.43 11.63
N SER A 384 -51.91 32.96 10.76
CA SER A 384 -52.46 32.17 9.67
C SER A 384 -51.36 31.52 8.84
N VAL A 385 -50.22 32.20 8.70
CA VAL A 385 -49.09 31.61 7.99
C VAL A 385 -48.05 31.05 8.95
N ASP A 386 -48.03 31.50 10.21
CA ASP A 386 -47.01 31.02 11.14
C ASP A 386 -47.14 29.52 11.37
N LEU A 387 -48.36 29.03 11.58
CA LEU A 387 -48.56 27.59 11.71
C LEU A 387 -48.16 26.86 10.44
N ALA A 388 -48.23 27.54 9.29
CA ALA A 388 -47.79 26.92 8.05
C ALA A 388 -46.28 26.74 8.03
N PHE A 389 -45.54 27.58 8.75
CA PHE A 389 -44.08 27.50 8.72
C PHE A 389 -43.59 26.25 9.43
N PHE A 390 -43.85 26.15 10.73
CA PHE A 390 -43.22 25.10 11.54
C PHE A 390 -43.58 23.70 11.06
N ILE A 391 -44.83 23.49 10.67
CA ILE A 391 -45.21 22.21 10.06
C ILE A 391 -44.26 21.86 8.93
N THR A 392 -44.14 22.77 7.95
CA THR A 392 -43.24 22.55 6.83
C THR A 392 -41.78 22.37 7.27
N LEU A 393 -41.41 22.95 8.41
CA LEU A 393 -40.06 22.73 8.92
C LEU A 393 -39.82 21.25 9.16
N SER A 394 -40.78 20.56 9.77
CA SER A 394 -40.63 19.11 9.96
C SER A 394 -40.48 18.40 8.63
N PHE A 395 -41.07 18.95 7.55
CA PHE A 395 -40.92 18.35 6.24
C PHE A 395 -39.47 18.22 5.84
N THR A 396 -38.62 19.17 6.25
CA THR A 396 -37.21 19.08 5.92
C THR A 396 -36.57 17.82 6.49
N TYR A 397 -37.00 17.36 7.66
CA TYR A 397 -36.45 16.13 8.20
C TYR A 397 -36.80 14.92 7.34
N MET A 398 -37.89 14.98 6.58
CA MET A 398 -38.16 13.91 5.62
C MET A 398 -37.02 13.77 4.63
N ASN A 399 -36.37 14.88 4.28
CA ASN A 399 -35.16 14.80 3.48
C ASN A 399 -34.15 13.85 4.12
N SER A 400 -33.87 14.05 5.42
CA SER A 400 -32.94 13.18 6.12
C SER A 400 -33.40 11.72 6.07
N MET A 401 -34.71 11.50 6.01
CA MET A 401 -35.22 10.14 5.92
C MET A 401 -35.03 9.57 4.52
N LEU A 402 -35.20 10.40 3.49
CA LEU A 402 -35.23 9.88 2.13
C LEU A 402 -33.85 9.67 1.53
N ASP A 403 -32.82 10.35 2.03
CA ASP A 403 -31.47 10.14 1.50
C ASP A 403 -31.01 8.69 1.59
N PRO A 404 -31.19 7.97 2.71
CA PRO A 404 -30.80 6.54 2.70
C PRO A 404 -31.49 5.73 1.62
N VAL A 405 -32.73 6.06 1.28
CA VAL A 405 -33.45 5.33 0.25
C VAL A 405 -32.78 5.50 -1.10
N VAL A 406 -32.36 6.71 -1.42
CA VAL A 406 -31.90 7.02 -2.79
C VAL A 406 -30.38 7.02 -2.88
N TYR A 407 -29.70 7.54 -1.86
CA TYR A 407 -28.26 7.74 -1.97
C TYR A 407 -27.49 6.44 -1.76
N TYR A 408 -27.58 5.86 -0.57
CA TYR A 408 -26.84 4.63 -0.28
C TYR A 408 -27.53 3.39 -0.84
N PHE A 409 -28.85 3.37 -0.88
CA PHE A 409 -29.60 2.20 -1.36
C PHE A 409 -29.86 2.32 -2.86
N SER A 410 -28.76 2.34 -3.62
CA SER A 410 -28.83 2.41 -5.08
C SER A 410 -27.89 1.43 -5.77
N SER A 411 -27.15 0.63 -5.02
CA SER A 411 -26.26 -0.35 -5.62
C SER A 411 -27.07 -1.49 -6.20
N PRO A 412 -26.96 -1.78 -7.51
CA PRO A 412 -27.68 -2.88 -8.16
C PRO A 412 -27.31 -4.25 -7.60
N LEU B 5 11.28 7.14 20.47
CA LEU B 5 11.84 7.11 19.13
C LEU B 5 13.21 7.76 19.10
N SER B 6 14.23 6.96 18.82
CA SER B 6 15.61 7.46 18.79
C SER B 6 15.82 8.32 17.54
N ALA B 7 17.00 8.93 17.47
CA ALA B 7 17.33 9.77 16.32
C ALA B 7 17.37 8.95 15.04
N GLU B 8 17.94 7.74 15.10
CA GLU B 8 18.06 6.91 13.91
C GLU B 8 16.68 6.53 13.37
N ASP B 9 15.76 6.15 14.26
CA ASP B 9 14.42 5.77 13.81
C ASP B 9 13.66 6.96 13.24
N LYS B 10 13.82 8.14 13.85
CA LYS B 10 13.15 9.33 13.34
C LYS B 10 13.70 9.73 11.98
N ALA B 11 15.02 9.62 11.78
CA ALA B 11 15.59 9.91 10.47
C ALA B 11 15.15 8.89 9.44
N ALA B 12 15.02 7.62 9.84
CA ALA B 12 14.48 6.61 8.94
C ALA B 12 13.04 6.93 8.55
N VAL B 13 12.24 7.41 9.50
CA VAL B 13 10.87 7.81 9.20
C VAL B 13 10.86 8.98 8.23
N GLU B 14 11.77 9.94 8.42
CA GLU B 14 11.85 11.07 7.49
C GLU B 14 12.23 10.61 6.09
N ARG B 15 13.18 9.68 5.98
CA ARG B 15 13.53 9.12 4.68
C ARG B 15 12.34 8.41 4.05
N SER B 16 11.58 7.66 4.84
CA SER B 16 10.40 6.99 4.32
C SER B 16 9.38 8.00 3.83
N LYS B 17 9.21 9.10 4.56
CA LYS B 17 8.27 10.14 4.14
C LYS B 17 8.70 10.77 2.82
N MET B 18 10.00 11.01 2.65
CA MET B 18 10.49 11.49 1.36
C MET B 18 10.21 10.46 0.26
N ILE B 19 10.35 9.17 0.59
CA ILE B 19 10.05 8.13 -0.39
C ILE B 19 8.59 8.16 -0.79
N ASP B 20 7.67 8.31 0.18
CA ASP B 20 6.26 8.39 -0.16
C ASP B 20 5.97 9.65 -0.97
N ARG B 21 6.66 10.75 -0.67
CA ARG B 21 6.48 11.97 -1.46
C ARG B 21 6.85 11.72 -2.92
N ASN B 22 8.00 11.10 -3.15
CA ASN B 22 8.42 10.80 -4.53
C ASN B 22 7.44 9.84 -5.21
N LEU B 23 6.99 8.82 -4.46
CA LEU B 23 6.06 7.85 -5.02
C LEU B 23 4.74 8.50 -5.41
N ARG B 24 4.23 9.39 -4.55
CA ARG B 24 2.98 10.07 -4.83
C ARG B 24 3.13 11.02 -6.03
N GLU B 25 4.28 11.71 -6.12
CA GLU B 25 4.51 12.57 -7.29
C GLU B 25 4.49 11.75 -8.57
N ASP B 26 5.20 10.61 -8.57
CA ASP B 26 5.23 9.77 -9.77
C ASP B 26 3.85 9.21 -10.08
N GLY B 27 3.10 8.82 -9.05
CA GLY B 27 1.77 8.30 -9.28
C GLY B 27 0.82 9.33 -9.86
N GLU B 28 0.87 10.55 -9.33
CA GLU B 28 0.05 11.62 -9.90
C GLU B 28 0.46 11.93 -11.33
N LYS B 29 1.76 11.89 -11.63
CA LYS B 29 2.21 12.13 -13.00
C LYS B 29 1.72 11.05 -13.94
N ALA B 30 1.75 9.79 -13.51
CA ALA B 30 1.41 8.68 -14.38
C ALA B 30 -0.06 8.29 -14.37
N ALA B 31 -0.86 8.88 -13.47
CA ALA B 31 -2.28 8.54 -13.44
C ALA B 31 -3.02 9.04 -14.68
N ARG B 32 -2.64 10.20 -15.21
CA ARG B 32 -3.29 10.75 -16.39
C ARG B 32 -3.05 9.91 -17.63
N GLU B 33 -2.07 9.00 -17.61
CA GLU B 33 -1.86 8.09 -18.72
C GLU B 33 -2.99 7.07 -18.79
N VAL B 34 -3.25 6.58 -20.01
CA VAL B 34 -4.27 5.56 -20.25
C VAL B 34 -3.61 4.44 -21.05
N LYS B 35 -3.81 3.20 -20.59
CA LYS B 35 -3.19 2.03 -21.20
C LYS B 35 -4.15 1.37 -22.17
N LEU B 36 -3.64 0.99 -23.34
CA LEU B 36 -4.41 0.31 -24.36
C LEU B 36 -3.66 -0.93 -24.81
N LEU B 37 -4.40 -1.98 -25.13
CA LEU B 37 -3.83 -3.26 -25.54
C LEU B 37 -4.19 -3.52 -27.00
N LEU B 38 -3.18 -3.75 -27.82
CA LEU B 38 -3.38 -4.07 -29.23
C LEU B 38 -3.40 -5.58 -29.42
N LEU B 39 -4.46 -6.08 -30.04
CA LEU B 39 -4.64 -7.52 -30.21
C LEU B 39 -5.36 -7.76 -31.52
N GLY B 40 -4.86 -8.73 -32.28
CA GLY B 40 -5.45 -9.02 -33.57
C GLY B 40 -4.70 -10.15 -34.27
N ALA B 41 -5.00 -10.29 -35.57
CA ALA B 41 -4.37 -11.34 -36.36
C ALA B 41 -2.87 -11.15 -36.45
N GLY B 42 -2.41 -9.92 -36.65
CA GLY B 42 -1.01 -9.60 -36.73
C GLY B 42 -0.51 -9.31 -38.13
N GLU B 43 -1.29 -9.64 -39.17
CA GLU B 43 -0.92 -9.36 -40.55
C GLU B 43 -2.08 -8.74 -41.32
N SER B 44 -2.95 -8.01 -40.62
CA SER B 44 -4.09 -7.34 -41.23
C SER B 44 -3.98 -5.83 -41.05
N GLY B 45 -2.77 -5.30 -41.21
CA GLY B 45 -2.55 -3.87 -41.09
C GLY B 45 -2.48 -3.34 -39.69
N LYS B 46 -2.21 -4.19 -38.70
CA LYS B 46 -2.11 -3.72 -37.31
C LYS B 46 -0.97 -2.70 -37.17
N SER B 47 0.20 -3.03 -37.70
CA SER B 47 1.30 -2.08 -37.69
C SER B 47 0.98 -0.85 -38.52
N THR B 48 0.20 -1.02 -39.59
CA THR B 48 -0.19 0.12 -40.42
C THR B 48 -1.00 1.13 -39.63
N ILE B 49 -2.05 0.65 -38.94
CA ILE B 49 -2.87 1.59 -38.16
C ILE B 49 -2.09 2.09 -36.95
N VAL B 50 -1.17 1.29 -36.42
CA VAL B 50 -0.34 1.75 -35.31
C VAL B 50 0.50 2.95 -35.74
N LYS B 51 1.15 2.86 -36.90
CA LYS B 51 1.90 3.98 -37.41
C LYS B 51 0.99 5.11 -37.86
N GLN B 52 -0.27 4.80 -38.21
CA GLN B 52 -1.23 5.83 -38.54
C GLN B 52 -1.53 6.71 -37.34
N MET B 53 -1.80 6.09 -36.19
CA MET B 53 -2.03 6.90 -34.98
C MET B 53 -0.74 7.40 -34.38
N LYS B 54 0.41 6.86 -34.78
CA LYS B 54 1.69 7.31 -34.22
C LYS B 54 1.95 8.78 -34.56
N ILE B 55 1.67 9.18 -35.79
CA ILE B 55 1.88 10.57 -36.21
C ILE B 55 0.83 11.47 -35.58
N THR B 182 11.75 -9.46 -28.54
CA THR B 182 11.68 -9.69 -27.11
C THR B 182 10.67 -8.77 -26.44
N GLY B 183 9.96 -9.29 -25.44
CA GLY B 183 8.99 -8.48 -24.74
C GLY B 183 7.77 -8.17 -25.61
N ILE B 184 7.13 -7.06 -25.29
CA ILE B 184 5.94 -6.60 -26.01
C ILE B 184 6.17 -5.18 -26.48
N VAL B 185 5.84 -4.91 -27.75
CA VAL B 185 6.06 -3.59 -28.32
C VAL B 185 5.15 -2.58 -27.63
N GLU B 186 5.72 -1.44 -27.24
CA GLU B 186 5.00 -0.38 -26.54
C GLU B 186 5.04 0.88 -27.37
N THR B 187 3.89 1.53 -27.52
CA THR B 187 3.77 2.78 -28.26
C THR B 187 3.16 3.84 -27.38
N HIS B 188 3.71 5.06 -27.46
CA HIS B 188 3.28 6.17 -26.62
C HIS B 188 3.01 7.40 -27.50
N PHE B 189 1.94 8.13 -27.16
CA PHE B 189 1.60 9.37 -27.83
C PHE B 189 0.47 10.05 -27.06
N THR B 190 0.43 11.37 -27.15
CA THR B 190 -0.65 12.18 -26.59
C THR B 190 -1.52 12.72 -27.73
N PHE B 191 -2.82 12.82 -27.47
CA PHE B 191 -3.75 13.35 -28.45
C PHE B 191 -4.38 14.66 -28.00
N LYS B 192 -5.03 14.68 -26.83
CA LYS B 192 -5.65 15.89 -26.32
C LYS B 192 -5.64 15.81 -24.79
N ASP B 193 -4.67 16.48 -24.18
CA ASP B 193 -4.45 16.50 -22.73
C ASP B 193 -4.63 15.13 -22.10
N LEU B 194 -4.18 14.08 -22.79
CA LEU B 194 -4.30 12.72 -22.29
C LEU B 194 -3.25 11.86 -22.99
N HIS B 195 -2.54 11.06 -22.21
CA HIS B 195 -1.45 10.24 -22.71
C HIS B 195 -1.93 8.81 -22.95
N PHE B 196 -1.54 8.26 -24.09
CA PHE B 196 -1.94 6.91 -24.49
C PHE B 196 -0.72 6.01 -24.53
N LYS B 197 -0.82 4.85 -23.87
CA LYS B 197 0.19 3.82 -23.94
C LYS B 197 -0.41 2.62 -24.65
N MET B 198 0.19 2.22 -25.77
CA MET B 198 -0.35 1.18 -26.64
C MET B 198 0.62 0.01 -26.64
N PHE B 199 0.21 -1.09 -26.02
CA PHE B 199 1.04 -2.28 -25.87
C PHE B 199 0.69 -3.28 -26.98
N ASP B 200 1.56 -3.39 -27.96
CA ASP B 200 1.40 -4.39 -29.01
C ASP B 200 1.83 -5.76 -28.48
N VAL B 201 0.98 -6.77 -28.69
CA VAL B 201 1.25 -8.11 -28.19
C VAL B 201 1.72 -9.06 -29.29
N GLY B 202 1.77 -8.61 -30.54
CA GLY B 202 2.21 -9.47 -31.63
C GLY B 202 3.66 -9.88 -31.53
N GLY B 203 4.46 -9.19 -30.71
CA GLY B 203 5.85 -9.56 -30.55
C GLY B 203 6.04 -10.92 -29.91
N GLN B 204 5.16 -11.29 -28.99
CA GLN B 204 5.21 -12.58 -28.31
C GLN B 204 4.11 -13.48 -28.85
N ARG B 205 4.49 -14.71 -29.22
CA ARG B 205 3.57 -15.67 -29.80
C ARG B 205 3.23 -16.80 -28.83
N SER B 206 3.38 -16.55 -27.53
CA SER B 206 3.04 -17.55 -26.52
C SER B 206 1.53 -17.68 -26.41
N GLU B 207 1.08 -18.56 -25.50
CA GLU B 207 -0.35 -18.76 -25.30
C GLU B 207 -0.98 -17.49 -24.75
N ARG B 208 -2.09 -17.08 -25.36
CA ARG B 208 -2.69 -15.80 -25.03
C ARG B 208 -3.34 -15.82 -23.64
N LYS B 209 -3.95 -16.94 -23.27
CA LYS B 209 -4.70 -17.00 -22.02
C LYS B 209 -3.81 -16.91 -20.79
N LYS B 210 -2.59 -17.44 -20.88
CA LYS B 210 -1.78 -17.59 -19.66
C LYS B 210 -1.30 -16.24 -19.13
N TRP B 211 -0.92 -15.32 -20.02
CA TRP B 211 -0.50 -13.99 -19.58
C TRP B 211 -1.65 -12.99 -19.56
N ILE B 212 -2.89 -13.43 -19.82
CA ILE B 212 -4.02 -12.52 -19.81
C ILE B 212 -4.33 -12.01 -18.41
N HIS B 213 -3.79 -12.65 -17.37
CA HIS B 213 -4.04 -12.21 -16.00
C HIS B 213 -3.28 -10.93 -15.65
N CYS B 214 -2.22 -10.60 -16.39
CA CYS B 214 -1.54 -9.34 -16.16
C CYS B 214 -2.34 -8.16 -16.71
N PHE B 215 -2.89 -8.32 -17.91
CA PHE B 215 -3.61 -7.24 -18.58
C PHE B 215 -5.08 -7.18 -18.19
N GLU B 216 -5.47 -7.70 -17.03
CA GLU B 216 -6.87 -7.69 -16.65
C GLU B 216 -7.38 -6.26 -16.45
N GLY B 217 -6.55 -5.38 -15.87
CA GLY B 217 -6.95 -4.01 -15.74
C GLY B 217 -6.44 -3.13 -16.87
N VAL B 218 -7.28 -2.93 -17.87
CA VAL B 218 -6.98 -2.07 -19.02
C VAL B 218 -8.27 -1.37 -19.41
N THR B 219 -8.17 -0.11 -19.83
CA THR B 219 -9.36 0.64 -20.18
C THR B 219 -10.10 0.01 -21.36
N ALA B 220 -9.36 -0.42 -22.38
CA ALA B 220 -9.99 -1.01 -23.56
C ALA B 220 -8.95 -1.81 -24.33
N ILE B 221 -9.45 -2.65 -25.24
CA ILE B 221 -8.62 -3.43 -26.14
C ILE B 221 -8.99 -3.03 -27.57
N ILE B 222 -8.01 -2.58 -28.34
CA ILE B 222 -8.23 -2.18 -29.72
C ILE B 222 -8.02 -3.39 -30.62
N PHE B 223 -8.99 -3.65 -31.49
CA PHE B 223 -8.97 -4.80 -32.39
C PHE B 223 -8.93 -4.32 -33.83
N CYS B 224 -8.01 -4.88 -34.61
CA CYS B 224 -7.85 -4.53 -36.01
C CYS B 224 -8.20 -5.74 -36.87
N VAL B 225 -9.08 -5.52 -37.86
CA VAL B 225 -9.51 -6.58 -38.74
C VAL B 225 -9.23 -6.20 -40.19
N GLU B 245 -8.61 -18.10 -37.66
CA GLU B 245 -8.38 -18.05 -36.22
C GLU B 245 -8.93 -16.76 -35.61
N SER B 246 -9.32 -15.82 -36.47
CA SER B 246 -9.86 -14.55 -36.00
C SER B 246 -11.17 -14.75 -35.24
N MET B 247 -12.05 -15.59 -35.77
CA MET B 247 -13.34 -15.81 -35.11
C MET B 247 -13.16 -16.53 -33.77
N LYS B 248 -12.24 -17.49 -33.71
CA LYS B 248 -11.97 -18.17 -32.44
C LYS B 248 -11.38 -17.20 -31.42
N LEU B 249 -10.48 -16.33 -31.87
CA LEU B 249 -9.90 -15.33 -30.97
C LEU B 249 -10.97 -14.38 -30.45
N PHE B 250 -11.87 -13.92 -31.33
CA PHE B 250 -12.94 -13.03 -30.91
C PHE B 250 -13.87 -13.72 -29.91
N ASP B 251 -14.23 -14.97 -30.18
CA ASP B 251 -15.09 -15.71 -29.27
C ASP B 251 -14.41 -15.90 -27.91
N SER B 252 -13.11 -16.22 -27.92
CA SER B 252 -12.39 -16.42 -26.67
C SER B 252 -12.32 -15.13 -25.85
N ILE B 253 -12.04 -14.01 -26.51
CA ILE B 253 -11.89 -12.76 -25.77
C ILE B 253 -13.23 -12.13 -25.38
N CYS B 254 -14.31 -12.48 -26.06
CA CYS B 254 -15.61 -11.88 -25.74
C CYS B 254 -16.19 -12.41 -24.44
N ASN B 255 -15.80 -13.61 -24.02
CA ASN B 255 -16.37 -14.23 -22.82
C ASN B 255 -15.30 -14.55 -21.79
N ASN B 256 -14.22 -13.77 -21.77
CA ASN B 256 -13.17 -13.97 -20.77
C ASN B 256 -13.69 -13.61 -19.39
N LYS B 257 -13.33 -14.43 -18.40
CA LYS B 257 -13.78 -14.18 -17.03
C LYS B 257 -13.20 -12.88 -16.50
N TRP B 258 -11.93 -12.59 -16.80
CA TRP B 258 -11.28 -11.40 -16.28
C TRP B 258 -11.59 -10.16 -17.11
N PHE B 259 -12.14 -10.33 -18.32
CA PHE B 259 -12.49 -9.22 -19.19
C PHE B 259 -14.00 -8.97 -19.21
N THR B 260 -14.68 -9.19 -18.08
CA THR B 260 -16.11 -8.98 -18.02
C THR B 260 -16.52 -7.52 -17.86
N ASP B 261 -15.55 -6.62 -17.69
CA ASP B 261 -15.87 -5.20 -17.50
C ASP B 261 -15.19 -4.34 -18.55
N THR B 262 -14.01 -4.74 -19.01
CA THR B 262 -13.28 -3.95 -19.99
C THR B 262 -13.96 -4.04 -21.35
N SER B 263 -14.21 -2.88 -21.96
CA SER B 263 -14.83 -2.84 -23.28
C SER B 263 -13.82 -3.18 -24.36
N ILE B 264 -14.34 -3.45 -25.55
CA ILE B 264 -13.52 -3.82 -26.71
C ILE B 264 -13.79 -2.82 -27.82
N ILE B 265 -12.71 -2.24 -28.36
CA ILE B 265 -12.79 -1.34 -29.49
C ILE B 265 -12.39 -2.11 -30.73
N LEU B 266 -13.25 -2.10 -31.75
CA LEU B 266 -13.07 -2.91 -32.94
C LEU B 266 -12.89 -1.99 -34.14
N PHE B 267 -11.84 -2.23 -34.91
CA PHE B 267 -11.54 -1.48 -36.13
C PHE B 267 -11.65 -2.39 -37.34
N LEU B 268 -12.24 -1.86 -38.40
CA LEU B 268 -12.38 -2.58 -39.67
C LEU B 268 -11.58 -1.84 -40.73
N ASN B 269 -10.35 -2.30 -40.96
CA ASN B 269 -9.47 -1.65 -41.92
C ASN B 269 -9.79 -2.10 -43.35
N LYS B 270 -9.68 -3.39 -43.61
CA LYS B 270 -9.93 -3.94 -44.94
C LYS B 270 -11.42 -3.92 -45.26
N LYS B 317 -20.29 -6.08 -21.27
CA LYS B 317 -19.42 -5.07 -21.86
C LYS B 317 -19.94 -4.62 -23.22
N GLU B 318 -19.60 -3.39 -23.59
CA GLU B 318 -20.03 -2.80 -24.85
C GLU B 318 -18.91 -2.85 -25.88
N ILE B 319 -19.27 -3.12 -27.12
CA ILE B 319 -18.32 -3.21 -28.24
C ILE B 319 -18.59 -2.05 -29.17
N TYR B 320 -17.54 -1.30 -29.50
CA TYR B 320 -17.63 -0.15 -30.38
C TYR B 320 -16.90 -0.44 -31.68
N THR B 321 -17.50 0.00 -32.79
CA THR B 321 -16.97 -0.29 -34.12
C THR B 321 -16.80 0.99 -34.91
N HIS B 322 -15.82 0.99 -35.81
CA HIS B 322 -15.55 2.13 -36.66
C HIS B 322 -14.84 1.66 -37.93
N PHE B 323 -15.15 2.33 -39.03
CA PHE B 323 -14.51 2.07 -40.32
C PHE B 323 -13.46 3.15 -40.55
N THR B 324 -12.19 2.76 -40.56
CA THR B 324 -11.11 3.73 -40.70
C THR B 324 -11.14 4.40 -42.07
N CYS B 325 -10.68 5.63 -42.10
CA CYS B 325 -10.58 6.42 -43.32
C CYS B 325 -9.14 6.90 -43.52
N ALA B 326 -8.93 7.67 -44.60
CA ALA B 326 -7.59 8.20 -44.86
C ALA B 326 -7.15 9.14 -43.76
N THR B 327 -8.06 9.98 -43.27
CA THR B 327 -7.74 10.93 -42.21
C THR B 327 -7.76 10.20 -40.87
N ASP B 328 -6.59 10.08 -40.24
CA ASP B 328 -6.47 9.40 -38.96
C ASP B 328 -7.13 10.17 -37.82
N THR B 329 -7.46 11.44 -38.03
CA THR B 329 -8.07 12.24 -36.98
C THR B 329 -9.43 11.66 -36.55
N LYS B 330 -10.21 11.16 -37.51
CA LYS B 330 -11.50 10.56 -37.19
C LYS B 330 -11.32 9.31 -36.32
N ASN B 331 -10.35 8.46 -36.69
CA ASN B 331 -10.11 7.25 -35.90
C ASN B 331 -9.63 7.56 -34.49
N VAL B 332 -8.72 8.53 -34.37
CA VAL B 332 -8.23 8.90 -33.05
C VAL B 332 -9.35 9.53 -32.22
N GLN B 333 -10.20 10.32 -32.87
CA GLN B 333 -11.38 10.86 -32.18
C GLN B 333 -12.27 9.74 -31.67
N PHE B 334 -12.50 8.72 -32.50
CA PHE B 334 -13.36 7.62 -32.10
C PHE B 334 -12.77 6.88 -30.90
N VAL B 335 -11.47 6.57 -30.95
CA VAL B 335 -10.87 5.80 -29.87
C VAL B 335 -10.81 6.63 -28.59
N PHE B 336 -10.50 7.92 -28.70
CA PHE B 336 -10.50 8.79 -27.53
C PHE B 336 -11.89 8.90 -26.92
N ASP B 337 -12.91 9.03 -27.77
CA ASP B 337 -14.27 9.09 -27.25
C ASP B 337 -14.65 7.80 -26.53
N ALA B 338 -14.31 6.65 -27.11
CA ALA B 338 -14.65 5.37 -26.49
C ALA B 338 -13.96 5.23 -25.13
N VAL B 339 -12.68 5.58 -25.06
CA VAL B 339 -11.99 5.58 -23.77
C VAL B 339 -12.66 6.55 -22.81
N THR B 340 -13.19 7.67 -23.34
CA THR B 340 -13.88 8.61 -22.48
C THR B 340 -15.14 8.00 -21.87
N ASP B 341 -15.94 7.26 -22.66
CA ASP B 341 -17.10 6.60 -22.07
C ASP B 341 -16.68 5.53 -21.08
N VAL B 342 -15.55 4.86 -21.35
CA VAL B 342 -15.04 3.89 -20.38
C VAL B 342 -14.74 4.58 -19.05
N ILE B 343 -14.12 5.76 -19.12
CA ILE B 343 -13.81 6.50 -17.90
C ILE B 343 -15.09 6.97 -17.21
N ILE B 344 -16.10 7.39 -17.97
CA ILE B 344 -17.39 7.73 -17.39
C ILE B 344 -17.95 6.55 -16.62
N LYS B 345 -17.92 5.37 -17.23
CA LYS B 345 -18.46 4.18 -16.57
C LYS B 345 -17.69 3.85 -15.30
N ASN B 346 -16.36 3.95 -15.36
CA ASN B 346 -15.55 3.66 -14.17
C ASN B 346 -15.85 4.64 -13.04
N ASN B 347 -15.94 5.93 -13.36
CA ASN B 347 -16.22 6.92 -12.33
C ASN B 347 -17.62 6.75 -11.75
N LEU B 348 -18.60 6.44 -12.60
CA LEU B 348 -19.95 6.23 -12.12
C LEU B 348 -20.05 5.00 -11.23
N LYS B 349 -19.31 3.95 -11.58
CA LYS B 349 -19.26 2.78 -10.71
C LYS B 349 -18.61 3.11 -9.38
N ASP B 350 -17.52 3.89 -9.40
CA ASP B 350 -16.84 4.25 -8.16
C ASP B 350 -17.75 5.08 -7.26
N CYS B 351 -18.45 6.07 -7.84
CA CYS B 351 -19.32 6.92 -7.04
C CYS B 351 -20.60 6.22 -6.61
N GLY B 352 -20.89 5.04 -7.14
CA GLY B 352 -22.05 4.28 -6.75
C GLY B 352 -23.29 4.52 -7.59
N LEU B 353 -23.29 5.51 -8.48
CA LEU B 353 -24.44 5.74 -9.33
C LEU B 353 -24.65 4.58 -10.30
N PHE B 354 -23.58 4.07 -10.89
CA PHE B 354 -23.66 2.98 -11.85
C PHE B 354 -23.81 1.63 -11.13
N SER C 7 7.36 -47.22 -38.01
CA SER C 7 7.57 -48.53 -37.40
C SER C 7 8.26 -48.40 -36.04
N GLU C 8 8.59 -47.16 -35.68
CA GLU C 8 9.27 -46.89 -34.42
C GLU C 8 8.42 -46.10 -33.42
N LEU C 9 7.55 -45.20 -33.89
CA LEU C 9 6.74 -44.40 -32.98
C LEU C 9 5.76 -45.26 -32.19
N ASP C 10 5.14 -46.24 -32.86
CA ASP C 10 4.12 -47.05 -32.20
C ASP C 10 4.71 -47.86 -31.05
N GLN C 11 5.85 -48.50 -31.28
CA GLN C 11 6.45 -49.33 -30.25
C GLN C 11 6.88 -48.50 -29.04
N LEU C 12 7.50 -47.34 -29.29
CA LEU C 12 7.93 -46.49 -28.18
C LEU C 12 6.74 -45.93 -27.42
N ARG C 13 5.67 -45.56 -28.14
CA ARG C 13 4.46 -45.08 -27.46
C ARG C 13 3.85 -46.18 -26.60
N GLN C 14 3.80 -47.41 -27.10
CA GLN C 14 3.28 -48.52 -26.31
C GLN C 14 4.16 -48.79 -25.09
N GLU C 15 5.48 -48.68 -25.25
CA GLU C 15 6.39 -48.84 -24.12
C GLU C 15 6.13 -47.77 -23.07
N ALA C 16 5.93 -46.52 -23.50
CA ALA C 16 5.63 -45.45 -22.56
C ALA C 16 4.31 -45.69 -21.83
N GLU C 17 3.30 -46.16 -22.57
CA GLU C 17 2.01 -46.46 -21.95
C GLU C 17 2.15 -47.57 -20.91
N GLN C 18 2.91 -48.62 -21.24
CA GLN C 18 3.13 -49.70 -20.29
C GLN C 18 3.87 -49.21 -19.06
N LEU C 19 4.88 -48.35 -19.25
CA LEU C 19 5.61 -47.79 -18.13
C LEU C 19 4.70 -46.96 -17.23
N LYS C 20 3.84 -46.14 -17.83
CA LYS C 20 2.89 -45.36 -17.04
C LYS C 20 1.95 -46.27 -16.26
N ASN C 21 1.46 -47.34 -16.90
CA ASN C 21 0.55 -48.25 -16.21
C ASN C 21 1.24 -48.92 -15.03
N GLN C 22 2.48 -49.37 -15.23
CA GLN C 22 3.14 -50.10 -14.14
C GLN C 22 3.55 -49.17 -13.00
N ILE C 23 3.96 -47.94 -13.32
CA ILE C 23 4.27 -47.00 -12.23
C ILE C 23 3.01 -46.61 -11.48
N ARG C 24 1.88 -46.48 -12.18
CA ARG C 24 0.64 -46.17 -11.49
C ARG C 24 0.19 -47.34 -10.61
N ASP C 25 0.42 -48.58 -11.07
CA ASP C 25 0.10 -49.74 -10.25
C ASP C 25 1.00 -49.80 -9.02
N ALA C 26 2.29 -49.51 -9.19
CA ALA C 26 3.20 -49.48 -8.06
C ALA C 26 2.77 -48.41 -7.05
N ARG C 27 2.36 -47.25 -7.55
CA ARG C 27 1.83 -46.20 -6.67
C ARG C 27 0.61 -46.70 -5.90
N LYS C 28 -0.35 -47.29 -6.61
CA LYS C 28 -1.56 -47.79 -5.97
C LYS C 28 -1.27 -48.92 -4.98
N ALA C 29 -0.13 -49.59 -5.11
CA ALA C 29 0.19 -50.70 -4.22
C ALA C 29 0.23 -50.26 -2.75
N CYS C 30 0.81 -49.10 -2.47
CA CYS C 30 0.98 -48.62 -1.10
C CYS C 30 -0.06 -47.57 -0.73
N ALA C 31 -1.16 -47.47 -1.47
CA ALA C 31 -2.23 -46.52 -1.18
C ALA C 31 -3.32 -47.14 -0.31
N ASP C 32 -2.96 -48.12 0.52
CA ASP C 32 -3.95 -48.79 1.35
C ASP C 32 -4.57 -47.84 2.37
N ALA C 33 -3.77 -46.95 2.95
CA ALA C 33 -4.23 -46.04 3.98
C ALA C 33 -4.42 -44.64 3.40
N THR C 34 -5.21 -43.83 4.12
CA THR C 34 -5.45 -42.44 3.78
C THR C 34 -5.12 -41.56 4.98
N LEU C 35 -4.70 -40.33 4.71
CA LEU C 35 -4.29 -39.41 5.77
C LEU C 35 -5.45 -39.05 6.69
N SER C 36 -6.68 -39.05 6.16
CA SER C 36 -7.83 -38.61 6.95
C SER C 36 -8.06 -39.51 8.16
N GLN C 37 -8.08 -40.83 7.94
CA GLN C 37 -8.34 -41.75 9.05
C GLN C 37 -7.13 -41.85 9.97
N ILE C 38 -5.93 -41.60 9.46
CA ILE C 38 -4.75 -41.53 10.31
C ILE C 38 -4.85 -40.35 11.26
N THR C 39 -5.28 -39.20 10.76
CA THR C 39 -5.34 -37.98 11.56
C THR C 39 -6.68 -37.76 12.24
N ASN C 40 -7.61 -38.70 12.11
CA ASN C 40 -8.90 -38.57 12.78
C ASN C 40 -8.77 -38.54 14.30
N ASN C 41 -7.75 -39.19 14.85
CA ASN C 41 -7.61 -39.28 16.30
C ASN C 41 -7.08 -37.99 16.92
N ILE C 42 -6.21 -37.27 16.22
CA ILE C 42 -5.52 -36.13 16.81
C ILE C 42 -6.49 -34.98 17.05
N ASP C 43 -6.16 -34.15 18.03
CA ASP C 43 -7.03 -33.04 18.41
C ASP C 43 -6.96 -31.92 17.37
N PRO C 44 -8.08 -31.48 16.82
CA PRO C 44 -8.04 -30.36 15.87
C PRO C 44 -7.63 -29.06 16.57
N VAL C 45 -7.02 -28.17 15.77
CA VAL C 45 -6.58 -26.89 16.31
C VAL C 45 -7.78 -26.05 16.75
N GLY C 46 -8.85 -26.07 15.96
CA GLY C 46 -10.03 -25.28 16.26
C GLY C 46 -10.08 -24.01 15.44
N ARG C 47 -11.05 -23.16 15.79
CA ARG C 47 -11.21 -21.87 15.12
C ARG C 47 -9.98 -21.01 15.34
N ILE C 48 -9.45 -20.45 14.26
CA ILE C 48 -8.27 -19.60 14.28
C ILE C 48 -8.66 -18.22 13.82
N GLN C 49 -8.35 -17.21 14.63
CA GLN C 49 -8.66 -15.82 14.33
C GLN C 49 -7.36 -15.10 14.02
N MET C 50 -7.19 -14.69 12.77
CA MET C 50 -6.04 -13.92 12.33
C MET C 50 -6.50 -12.53 11.92
N ARG C 51 -5.94 -11.51 12.54
CA ARG C 51 -6.31 -10.13 12.30
C ARG C 51 -5.22 -9.42 11.51
N THR C 52 -5.63 -8.40 10.76
CA THR C 52 -4.69 -7.58 10.00
C THR C 52 -3.91 -6.69 10.97
N ARG C 53 -2.73 -7.16 11.38
CA ARG C 53 -1.92 -6.41 12.33
C ARG C 53 -1.46 -5.08 11.75
N ARG C 54 -1.03 -5.08 10.49
CA ARG C 54 -0.54 -3.87 9.85
C ARG C 54 -0.96 -3.87 8.39
N THR C 55 -1.00 -2.68 7.80
CA THR C 55 -1.39 -2.48 6.41
C THR C 55 -0.38 -1.54 5.77
N LEU C 56 0.42 -2.06 4.83
CA LEU C 56 1.47 -1.29 4.19
C LEU C 56 0.91 -0.69 2.90
N ARG C 57 0.79 0.64 2.87
CA ARG C 57 0.25 1.35 1.72
C ARG C 57 1.32 2.25 1.12
N GLY C 58 1.15 2.56 -0.16
CA GLY C 58 2.13 3.31 -0.91
C GLY C 58 2.22 2.83 -2.34
N HIS C 59 1.75 1.61 -2.59
CA HIS C 59 1.59 1.12 -3.95
C HIS C 59 0.34 1.76 -4.57
N LEU C 60 0.32 1.77 -5.91
CA LEU C 60 -0.81 2.37 -6.61
C LEU C 60 -1.32 1.48 -7.74
N ALA C 61 -1.04 0.18 -7.70
CA ALA C 61 -1.50 -0.74 -8.72
C ALA C 61 -1.49 -2.15 -8.14
N LYS C 62 -1.92 -3.11 -8.95
CA LYS C 62 -2.01 -4.49 -8.49
C LYS C 62 -0.64 -5.02 -8.08
N ILE C 63 -0.61 -5.74 -6.98
CA ILE C 63 0.61 -6.31 -6.43
C ILE C 63 0.71 -7.76 -6.89
N TYR C 64 1.79 -8.09 -7.61
CA TYR C 64 1.91 -9.42 -8.21
C TYR C 64 2.66 -10.41 -7.34
N ALA C 65 3.64 -9.97 -6.56
CA ALA C 65 4.42 -10.88 -5.74
C ALA C 65 5.12 -10.12 -4.64
N MET C 66 5.61 -10.86 -3.65
CA MET C 66 6.39 -10.31 -2.56
C MET C 66 7.26 -11.42 -2.00
N HIS C 67 8.15 -11.04 -1.07
CA HIS C 67 9.05 -12.00 -0.46
C HIS C 67 9.68 -11.45 0.82
N TRP C 68 9.61 -12.22 1.91
CA TRP C 68 10.25 -11.84 3.15
C TRP C 68 11.76 -12.08 3.09
N GLY C 69 12.50 -11.26 3.82
CA GLY C 69 13.91 -11.52 4.02
C GLY C 69 14.12 -12.66 4.99
N THR C 70 15.37 -13.11 5.08
CA THR C 70 15.70 -14.19 6.00
C THR C 70 15.52 -13.77 7.45
N ASP C 71 15.79 -12.51 7.77
CA ASP C 71 15.55 -12.00 9.11
C ASP C 71 14.07 -11.83 9.41
N SER C 72 13.20 -11.96 8.39
CA SER C 72 11.75 -11.89 8.56
C SER C 72 11.30 -10.54 9.11
N ARG C 73 11.94 -9.47 8.63
CA ARG C 73 11.49 -8.13 8.97
C ARG C 73 11.27 -7.28 7.72
N LEU C 74 12.09 -7.51 6.70
CA LEU C 74 11.97 -6.79 5.44
C LEU C 74 11.26 -7.66 4.42
N LEU C 75 10.35 -7.04 3.66
CA LEU C 75 9.70 -7.71 2.55
C LEU C 75 9.66 -6.79 1.36
N VAL C 76 10.06 -7.30 0.20
CA VAL C 76 10.09 -6.54 -1.05
C VAL C 76 8.89 -6.97 -1.88
N SER C 77 8.12 -5.99 -2.36
CA SER C 77 6.88 -6.26 -3.06
C SER C 77 6.87 -5.52 -4.39
N ALA C 78 6.51 -6.22 -5.46
CA ALA C 78 6.41 -5.66 -6.80
C ALA C 78 4.98 -5.28 -7.11
N SER C 79 4.80 -4.54 -8.21
CA SER C 79 3.48 -4.07 -8.59
C SER C 79 3.51 -3.68 -10.07
N GLN C 80 2.33 -3.31 -10.57
CA GLN C 80 2.19 -2.97 -11.98
C GLN C 80 2.87 -1.65 -12.33
N ASP C 81 3.00 -0.74 -11.36
CA ASP C 81 3.56 0.59 -11.65
C ASP C 81 5.06 0.56 -11.90
N GLY C 82 5.71 -0.61 -11.93
CA GLY C 82 7.14 -0.64 -12.15
C GLY C 82 7.96 -0.17 -10.98
N LYS C 83 7.43 -0.22 -9.77
CA LYS C 83 8.12 0.22 -8.57
C LYS C 83 8.36 -0.97 -7.65
N LEU C 84 9.59 -1.15 -7.22
CA LEU C 84 9.98 -2.18 -6.26
C LEU C 84 10.24 -1.52 -4.92
N ILE C 85 9.51 -1.93 -3.90
CA ILE C 85 9.52 -1.29 -2.59
C ILE C 85 10.00 -2.30 -1.56
N ILE C 86 10.96 -1.91 -0.74
CA ILE C 86 11.44 -2.75 0.34
C ILE C 86 10.88 -2.23 1.65
N TRP C 87 9.75 -2.77 2.08
CA TRP C 87 9.09 -2.33 3.29
C TRP C 87 9.88 -2.75 4.53
N ASP C 88 9.52 -2.15 5.66
CA ASP C 88 9.95 -2.60 6.97
C ASP C 88 8.70 -3.03 7.71
N SER C 89 8.43 -4.34 7.71
CA SER C 89 7.15 -4.85 8.18
C SER C 89 6.84 -4.40 9.60
N TYR C 90 7.86 -4.33 10.46
CA TYR C 90 7.63 -3.97 11.86
C TYR C 90 7.13 -2.53 11.99
N THR C 91 7.68 -1.62 11.18
CA THR C 91 7.38 -0.21 11.31
C THR C 91 6.56 0.35 10.14
N THR C 92 6.44 -0.39 9.05
CA THR C 92 5.70 0.05 7.85
C THR C 92 6.25 1.36 7.29
N ASN C 93 7.57 1.52 7.35
CA ASN C 93 8.25 2.63 6.71
C ASN C 93 9.22 2.08 5.68
N LYS C 94 9.29 2.73 4.52
CA LYS C 94 10.09 2.24 3.42
C LYS C 94 11.58 2.26 3.76
N VAL C 95 12.30 1.30 3.19
CA VAL C 95 13.75 1.30 3.22
C VAL C 95 14.35 1.63 1.86
N HIS C 96 13.68 1.28 0.78
CA HIS C 96 14.11 1.60 -0.58
C HIS C 96 12.88 1.65 -1.47
N ALA C 97 13.05 2.27 -2.63
CA ALA C 97 11.99 2.30 -3.65
C ALA C 97 12.70 2.25 -5.01
N ILE C 98 12.84 1.04 -5.54
CA ILE C 98 13.60 0.82 -6.76
C ILE C 98 12.68 1.00 -7.97
N PRO C 99 13.01 1.89 -8.90
CA PRO C 99 12.23 1.99 -10.14
C PRO C 99 12.76 1.03 -11.19
N LEU C 100 11.83 0.32 -11.83
CA LEU C 100 12.17 -0.73 -12.79
C LEU C 100 12.10 -0.19 -14.20
N ARG C 101 12.91 -0.80 -15.08
CA ARG C 101 12.91 -0.41 -16.49
C ARG C 101 11.57 -0.71 -17.14
N SER C 102 10.98 -1.87 -16.82
CA SER C 102 9.67 -2.26 -17.33
C SER C 102 8.67 -2.33 -16.19
N SER C 103 7.40 -2.20 -16.54
CA SER C 103 6.32 -2.18 -15.56
C SER C 103 5.54 -3.49 -15.48
N TRP C 104 6.00 -4.53 -16.18
CA TRP C 104 5.28 -5.79 -16.25
C TRP C 104 5.92 -6.88 -15.39
N VAL C 105 6.43 -6.52 -14.22
CA VAL C 105 7.13 -7.48 -13.37
C VAL C 105 6.11 -8.42 -12.75
N MET C 106 6.29 -9.72 -12.97
CA MET C 106 5.40 -10.74 -12.41
C MET C 106 5.85 -11.26 -11.06
N THR C 107 7.13 -11.13 -10.73
CA THR C 107 7.65 -11.73 -9.51
C THR C 107 8.83 -10.91 -9.00
N CYS C 108 9.08 -11.05 -7.70
CA CYS C 108 10.26 -10.52 -7.04
C CYS C 108 10.97 -11.67 -6.34
N ALA C 109 12.02 -11.35 -5.59
CA ALA C 109 12.78 -12.35 -4.86
C ALA C 109 13.53 -11.66 -3.73
N TYR C 110 14.38 -12.42 -3.04
CA TYR C 110 15.19 -11.88 -1.97
C TYR C 110 16.31 -12.86 -1.66
N ALA C 111 17.55 -12.38 -1.70
CA ALA C 111 18.68 -13.24 -1.41
C ALA C 111 18.68 -13.65 0.05
N PRO C 112 19.15 -14.86 0.36
CA PRO C 112 19.17 -15.31 1.77
C PRO C 112 20.01 -14.42 2.67
N SER C 113 21.10 -13.86 2.17
CA SER C 113 21.93 -12.97 2.98
C SER C 113 21.35 -11.56 3.08
N GLY C 114 20.37 -11.22 2.26
CA GLY C 114 19.81 -9.88 2.24
C GLY C 114 20.58 -8.87 1.45
N ASN C 115 21.69 -9.27 0.83
CA ASN C 115 22.50 -8.33 0.06
C ASN C 115 21.87 -7.99 -1.29
N TYR C 116 21.25 -8.98 -1.95
CA TYR C 116 20.81 -8.84 -3.32
C TYR C 116 19.30 -9.03 -3.42
N VAL C 117 18.71 -8.40 -4.42
CA VAL C 117 17.27 -8.47 -4.68
C VAL C 117 17.04 -8.70 -6.16
N ALA C 118 16.13 -9.61 -6.49
CA ALA C 118 15.82 -9.96 -7.87
C ALA C 118 14.36 -9.69 -8.16
N CYS C 119 14.08 -9.38 -9.44
CA CYS C 119 12.72 -9.06 -9.86
C CYS C 119 12.61 -9.25 -11.37
N GLY C 120 11.61 -10.00 -11.81
CA GLY C 120 11.44 -10.30 -13.22
C GLY C 120 9.98 -10.24 -13.64
N GLY C 121 9.77 -10.26 -14.95
CA GLY C 121 8.42 -10.19 -15.50
C GLY C 121 8.32 -10.50 -16.97
N LEU C 122 7.48 -9.75 -17.69
CA LEU C 122 7.23 -9.99 -19.11
C LEU C 122 8.43 -9.63 -19.99
N ASP C 123 9.45 -8.97 -19.45
CA ASP C 123 10.61 -8.55 -20.22
C ASP C 123 11.63 -9.66 -20.42
N ASN C 124 11.35 -10.87 -19.93
CA ASN C 124 12.27 -12.01 -20.04
C ASN C 124 13.60 -11.75 -19.37
N ILE C 125 13.60 -10.93 -18.32
CA ILE C 125 14.81 -10.60 -17.57
C ILE C 125 14.49 -10.70 -16.08
N CYS C 126 15.38 -11.33 -15.32
CA CYS C 126 15.31 -11.32 -13.86
C CYS C 126 16.52 -10.54 -13.38
N SER C 127 16.36 -9.21 -13.32
CA SER C 127 17.46 -8.33 -12.96
C SER C 127 17.75 -8.41 -11.47
N ILE C 128 19.03 -8.54 -11.12
CA ILE C 128 19.46 -8.64 -9.73
C ILE C 128 19.95 -7.28 -9.28
N TYR C 129 19.43 -6.79 -8.17
CA TYR C 129 19.76 -5.48 -7.66
C TYR C 129 20.74 -5.59 -6.50
N ASN C 130 21.58 -4.57 -6.36
CA ASN C 130 22.65 -4.53 -5.36
C ASN C 130 22.22 -3.56 -4.26
N LEU C 131 21.75 -4.12 -3.14
CA LEU C 131 21.23 -3.27 -2.07
C LEU C 131 22.36 -2.52 -1.36
N LYS C 132 23.28 -3.25 -0.74
CA LYS C 132 24.30 -2.64 0.10
C LYS C 132 25.51 -2.26 -0.76
N THR C 133 25.37 -1.14 -1.45
CA THR C 133 26.44 -0.58 -2.25
C THR C 133 27.12 0.56 -1.50
N ARG C 134 28.19 1.08 -2.10
CA ARG C 134 28.93 2.18 -1.47
C ARG C 134 28.12 3.46 -1.44
N GLU C 135 27.28 3.69 -2.44
CA GLU C 135 26.42 4.86 -2.49
C GLU C 135 25.10 4.55 -1.78
N GLY C 136 24.12 5.44 -1.94
CA GLY C 136 22.83 5.25 -1.31
C GLY C 136 21.70 4.94 -2.29
N ASN C 137 22.06 4.50 -3.49
CA ASN C 137 21.09 4.15 -4.51
C ASN C 137 21.28 2.70 -4.94
N VAL C 138 20.18 1.98 -5.11
CA VAL C 138 20.22 0.60 -5.55
C VAL C 138 20.45 0.57 -7.05
N ARG C 139 21.55 -0.06 -7.48
CA ARG C 139 21.92 -0.15 -8.88
C ARG C 139 21.73 -1.57 -9.37
N VAL C 140 21.27 -1.69 -10.62
CA VAL C 140 21.20 -3.01 -11.25
C VAL C 140 22.59 -3.61 -11.32
N SER C 141 22.70 -4.88 -10.95
CA SER C 141 23.99 -5.55 -10.96
C SER C 141 24.14 -6.57 -12.09
N ARG C 142 23.03 -7.03 -12.66
CA ARG C 142 23.08 -7.99 -13.75
C ARG C 142 21.70 -8.07 -14.40
N GLU C 143 21.69 -8.54 -15.64
CA GLU C 143 20.46 -8.79 -16.38
C GLU C 143 20.61 -10.15 -17.07
N LEU C 144 19.89 -11.15 -16.57
CA LEU C 144 20.05 -12.52 -17.03
C LEU C 144 19.14 -12.74 -18.24
N ALA C 145 19.74 -12.85 -19.42
CA ALA C 145 19.00 -13.06 -20.66
C ALA C 145 19.32 -14.43 -21.23
N GLY C 146 18.36 -15.01 -21.93
CA GLY C 146 18.50 -16.33 -22.48
C GLY C 146 17.21 -17.13 -22.42
N HIS C 147 16.23 -16.61 -21.71
CA HIS C 147 14.92 -17.25 -21.65
C HIS C 147 14.09 -16.84 -22.86
N THR C 148 13.53 -17.84 -23.55
CA THR C 148 12.76 -17.57 -24.76
C THR C 148 11.51 -16.76 -24.44
N GLY C 149 10.82 -17.08 -23.35
CA GLY C 149 9.59 -16.44 -22.98
C GLY C 149 9.70 -15.64 -21.70
N TYR C 150 8.54 -15.32 -21.14
CA TYR C 150 8.46 -14.55 -19.91
C TYR C 150 8.82 -15.39 -18.70
N LEU C 151 9.33 -14.73 -17.67
CA LEU C 151 9.67 -15.38 -16.40
C LEU C 151 8.50 -15.28 -15.43
N SER C 152 8.47 -16.20 -14.48
CA SER C 152 7.43 -16.19 -13.45
C SER C 152 7.93 -16.34 -12.02
N CYS C 153 9.12 -16.90 -11.80
CA CYS C 153 9.68 -17.00 -10.45
C CYS C 153 11.17 -17.28 -10.57
N CYS C 154 11.99 -16.35 -10.10
CA CYS C 154 13.43 -16.58 -9.94
C CYS C 154 13.77 -16.51 -8.47
N ARG C 155 14.42 -17.55 -7.96
CA ARG C 155 14.71 -17.70 -6.54
C ARG C 155 16.21 -17.82 -6.30
N PHE C 156 16.65 -17.30 -5.17
CA PHE C 156 18.07 -17.21 -4.85
C PHE C 156 18.48 -18.40 -3.99
N LEU C 157 19.37 -19.24 -4.53
CA LEU C 157 20.02 -20.26 -3.72
C LEU C 157 20.92 -19.62 -2.68
N ASP C 158 21.80 -18.73 -3.13
CA ASP C 158 22.68 -17.96 -2.27
C ASP C 158 22.92 -16.62 -2.95
N ASP C 159 23.96 -15.90 -2.52
CA ASP C 159 24.29 -14.63 -3.14
C ASP C 159 24.78 -14.78 -4.57
N ASN C 160 25.12 -16.00 -5.01
CA ASN C 160 25.73 -16.19 -6.31
C ASN C 160 25.03 -17.21 -7.21
N GLN C 161 23.97 -17.86 -6.74
CA GLN C 161 23.24 -18.81 -7.57
C GLN C 161 21.76 -18.49 -7.52
N ILE C 162 21.14 -18.44 -8.70
CA ILE C 162 19.72 -18.13 -8.83
C ILE C 162 19.09 -19.11 -9.81
N VAL C 163 17.92 -19.64 -9.45
CA VAL C 163 17.17 -20.56 -10.31
C VAL C 163 15.96 -19.83 -10.84
N THR C 164 15.87 -19.69 -12.15
CA THR C 164 14.77 -19.01 -12.80
C THR C 164 13.69 -20.02 -13.19
N SER C 165 12.55 -19.51 -13.63
CA SER C 165 11.47 -20.37 -14.12
C SER C 165 10.65 -19.54 -15.11
N SER C 166 10.88 -19.77 -16.39
CA SER C 166 10.27 -18.97 -17.44
C SER C 166 9.07 -19.68 -18.05
N GLY C 167 8.34 -18.95 -18.89
CA GLY C 167 7.16 -19.47 -19.55
C GLY C 167 7.43 -20.28 -20.79
N ASP C 168 8.69 -20.46 -21.17
CA ASP C 168 9.06 -21.24 -22.35
C ASP C 168 9.30 -22.71 -22.02
N THR C 169 8.65 -23.22 -20.97
CA THR C 169 8.83 -24.60 -20.50
C THR C 169 10.30 -24.92 -20.27
N THR C 170 10.92 -24.14 -19.39
CA THR C 170 12.34 -24.28 -19.10
C THR C 170 12.74 -23.57 -17.82
N CYS C 171 13.44 -24.28 -16.93
CA CYS C 171 14.04 -23.69 -15.75
C CYS C 171 15.55 -23.80 -15.86
N ALA C 172 16.25 -22.76 -15.41
CA ALA C 172 17.69 -22.70 -15.56
C ALA C 172 18.34 -22.24 -14.26
N LEU C 173 19.61 -22.63 -14.07
CA LEU C 173 20.41 -22.23 -12.92
C LEU C 173 21.56 -21.38 -13.42
N TRP C 174 21.52 -20.09 -13.12
CA TRP C 174 22.48 -19.13 -13.62
C TRP C 174 23.64 -18.92 -12.63
N ASP C 175 24.73 -18.37 -13.15
CA ASP C 175 25.85 -17.91 -12.34
C ASP C 175 25.94 -16.40 -12.50
N ILE C 176 26.01 -15.69 -11.37
CA ILE C 176 25.79 -14.25 -11.38
C ILE C 176 26.90 -13.52 -12.13
N GLU C 177 28.17 -13.84 -11.82
CA GLU C 177 29.27 -13.11 -12.45
C GLU C 177 29.30 -13.40 -13.95
N THR C 178 29.13 -14.67 -14.33
CA THR C 178 29.19 -15.02 -15.74
C THR C 178 27.91 -14.66 -16.48
N GLY C 179 26.77 -14.75 -15.82
CA GLY C 179 25.50 -14.44 -16.46
C GLY C 179 25.01 -15.49 -17.43
N GLN C 180 25.50 -16.72 -17.34
CA GLN C 180 25.08 -17.79 -18.24
C GLN C 180 24.63 -19.00 -17.42
N GLN C 181 23.71 -19.76 -17.99
CA GLN C 181 23.09 -20.87 -17.27
C GLN C 181 24.04 -22.07 -17.27
N THR C 182 24.47 -22.47 -16.07
CA THR C 182 25.34 -23.65 -15.96
C THR C 182 24.57 -24.92 -16.27
N THR C 183 23.33 -25.01 -15.82
CA THR C 183 22.50 -26.20 -16.05
C THR C 183 21.11 -25.75 -16.49
N THR C 184 20.48 -26.56 -17.34
CA THR C 184 19.14 -26.30 -17.83
C THR C 184 18.23 -27.47 -17.51
N PHE C 185 17.00 -27.17 -17.13
CA PHE C 185 16.00 -28.18 -16.75
C PHE C 185 14.88 -28.14 -17.78
N THR C 186 14.91 -29.06 -18.74
CA THR C 186 13.95 -29.12 -19.83
C THR C 186 13.19 -30.44 -19.74
N GLY C 187 12.09 -30.45 -18.97
CA GLY C 187 11.26 -31.62 -18.89
C GLY C 187 9.78 -31.31 -19.02
N HIS C 188 9.43 -30.03 -18.97
CA HIS C 188 8.03 -29.63 -18.96
C HIS C 188 7.51 -29.45 -20.37
N THR C 189 6.18 -29.51 -20.51
CA THR C 189 5.50 -29.27 -21.78
C THR C 189 4.76 -27.95 -21.81
N GLY C 190 4.12 -27.55 -20.72
CA GLY C 190 3.46 -26.27 -20.62
C GLY C 190 4.30 -25.24 -19.88
N ASP C 191 3.75 -24.03 -19.81
CA ASP C 191 4.43 -22.93 -19.15
C ASP C 191 4.57 -23.22 -17.65
N VAL C 192 5.62 -22.65 -17.05
CA VAL C 192 5.93 -22.85 -15.64
C VAL C 192 5.50 -21.61 -14.86
N MET C 193 4.84 -21.84 -13.71
CA MET C 193 4.29 -20.74 -12.93
C MET C 193 4.70 -20.71 -11.47
N SER C 194 5.58 -21.58 -11.01
CA SER C 194 5.88 -21.61 -9.58
C SER C 194 7.23 -22.25 -9.33
N LEU C 195 7.76 -21.99 -8.13
CA LEU C 195 9.01 -22.56 -7.67
C LEU C 195 8.98 -22.61 -6.15
N SER C 196 9.75 -23.54 -5.59
CA SER C 196 9.93 -23.59 -4.13
C SER C 196 11.25 -24.31 -3.87
N LEU C 197 12.26 -23.55 -3.48
CA LEU C 197 13.53 -24.15 -3.10
C LEU C 197 13.40 -24.82 -1.74
N ALA C 198 13.88 -26.05 -1.64
CA ALA C 198 13.77 -26.80 -0.40
C ALA C 198 14.62 -26.15 0.69
N PRO C 199 14.26 -26.35 1.96
CA PRO C 199 15.03 -25.72 3.05
C PRO C 199 16.51 -26.08 3.04
N ASP C 200 16.87 -27.27 2.56
CA ASP C 200 18.28 -27.63 2.42
C ASP C 200 18.88 -27.16 1.11
N THR C 201 18.09 -26.50 0.26
CA THR C 201 18.55 -25.92 -1.01
C THR C 201 19.27 -26.95 -1.87
N ARG C 202 18.56 -28.05 -2.14
CA ARG C 202 19.05 -29.08 -3.05
C ARG C 202 18.04 -29.52 -4.10
N LEU C 203 16.74 -29.41 -3.82
CA LEU C 203 15.71 -29.81 -4.76
C LEU C 203 14.64 -28.72 -4.80
N PHE C 204 13.90 -28.69 -5.91
CA PHE C 204 12.81 -27.74 -6.07
C PHE C 204 11.75 -28.33 -6.99
N VAL C 205 10.52 -27.85 -6.83
CA VAL C 205 9.38 -28.33 -7.60
C VAL C 205 8.73 -27.14 -8.30
N SER C 206 8.44 -27.30 -9.58
CA SER C 206 7.87 -26.25 -10.40
C SER C 206 6.53 -26.69 -10.96
N GLY C 207 5.49 -25.90 -10.72
CA GLY C 207 4.18 -26.19 -11.25
C GLY C 207 4.01 -25.73 -12.68
N ALA C 208 3.78 -26.67 -13.60
CA ALA C 208 3.70 -26.36 -15.02
C ALA C 208 2.26 -26.10 -15.43
N CYS C 209 2.03 -25.98 -16.73
CA CYS C 209 0.70 -25.77 -17.28
C CYS C 209 0.00 -27.08 -17.64
N ASP C 210 0.71 -28.20 -17.62
CA ASP C 210 0.14 -29.50 -17.97
C ASP C 210 -0.39 -30.24 -16.76
N ALA C 211 -0.76 -29.53 -15.70
CA ALA C 211 -1.30 -30.12 -14.47
C ALA C 211 -0.34 -31.11 -13.85
N SER C 212 0.96 -30.94 -14.10
CA SER C 212 1.98 -31.84 -13.58
C SER C 212 3.10 -31.03 -12.95
N ALA C 213 3.50 -31.40 -11.74
CA ALA C 213 4.59 -30.76 -11.03
C ALA C 213 5.77 -31.73 -10.96
N LYS C 214 6.93 -31.28 -11.40
CA LYS C 214 8.13 -32.10 -11.43
C LYS C 214 9.06 -31.72 -10.30
N LEU C 215 9.97 -32.63 -9.98
CA LEU C 215 11.03 -32.42 -9.00
C LEU C 215 12.37 -32.60 -9.68
N TRP C 216 13.32 -31.72 -9.34
CA TRP C 216 14.61 -31.69 -10.01
C TRP C 216 15.73 -31.76 -8.98
N ASP C 217 16.96 -31.87 -9.49
CA ASP C 217 18.16 -31.82 -8.67
C ASP C 217 19.02 -30.66 -9.16
N VAL C 218 19.41 -29.78 -8.24
CA VAL C 218 20.15 -28.58 -8.61
C VAL C 218 21.56 -28.87 -9.09
N ARG C 219 22.09 -30.07 -8.84
CA ARG C 219 23.42 -30.43 -9.27
C ARG C 219 23.43 -31.32 -10.51
N GLU C 220 22.49 -32.26 -10.63
CA GLU C 220 22.47 -33.15 -11.78
C GLU C 220 21.80 -32.49 -12.99
N GLY C 221 20.54 -32.11 -12.85
CA GLY C 221 19.81 -31.48 -13.93
C GLY C 221 18.87 -32.42 -14.66
N MET C 222 18.22 -33.31 -13.90
CA MET C 222 17.29 -34.26 -14.46
C MET C 222 16.04 -34.33 -13.60
N CYS C 223 14.94 -34.75 -14.21
CA CYS C 223 13.67 -34.87 -13.51
C CYS C 223 13.71 -36.09 -12.60
N ARG C 224 13.89 -35.86 -11.30
CA ARG C 224 13.98 -36.98 -10.36
C ARG C 224 12.62 -37.67 -10.22
N GLN C 225 11.56 -36.90 -10.02
CA GLN C 225 10.21 -37.44 -9.93
C GLN C 225 9.25 -36.54 -10.69
N THR C 226 8.07 -37.08 -10.99
CA THR C 226 7.02 -36.33 -11.65
C THR C 226 5.69 -36.69 -11.02
N PHE C 227 4.88 -35.68 -10.73
CA PHE C 227 3.61 -35.85 -10.05
C PHE C 227 2.47 -35.30 -10.90
N THR C 228 1.40 -36.07 -11.01
CA THR C 228 0.15 -35.62 -11.62
C THR C 228 -0.97 -35.75 -10.60
N GLY C 229 -2.20 -35.48 -11.05
CA GLY C 229 -3.34 -35.54 -10.16
C GLY C 229 -4.26 -34.36 -10.31
N HIS C 230 -3.85 -33.40 -11.14
CA HIS C 230 -4.65 -32.22 -11.45
C HIS C 230 -5.17 -32.31 -12.87
N GLU C 231 -6.18 -31.50 -13.17
CA GLU C 231 -6.71 -31.38 -14.52
C GLU C 231 -6.42 -30.03 -15.16
N SER C 232 -6.23 -28.99 -14.37
CA SER C 232 -5.89 -27.66 -14.87
C SER C 232 -4.48 -27.29 -14.45
N ASP C 233 -4.01 -26.15 -14.96
CA ASP C 233 -2.64 -25.72 -14.71
C ASP C 233 -2.42 -25.44 -13.23
N ILE C 234 -1.25 -25.81 -12.73
CA ILE C 234 -0.89 -25.58 -11.33
C ILE C 234 -0.39 -24.16 -11.18
N ASN C 235 -1.00 -23.40 -10.27
CA ASN C 235 -0.70 -21.99 -10.11
C ASN C 235 0.07 -21.66 -8.84
N ALA C 236 0.44 -22.65 -8.04
CA ALA C 236 1.16 -22.39 -6.81
C ALA C 236 1.94 -23.64 -6.41
N ILE C 237 2.96 -23.42 -5.58
CA ILE C 237 3.86 -24.48 -5.12
C ILE C 237 4.48 -24.02 -3.82
N CYS C 238 4.52 -24.91 -2.83
CA CYS C 238 5.10 -24.58 -1.54
C CYS C 238 5.59 -25.85 -0.87
N PHE C 239 6.84 -25.84 -0.43
CA PHE C 239 7.44 -27.01 0.22
C PHE C 239 6.97 -27.14 1.66
N PHE C 240 6.94 -28.38 2.14
CA PHE C 240 6.75 -28.62 3.56
C PHE C 240 8.01 -28.18 4.32
N PRO C 241 7.86 -27.71 5.56
CA PRO C 241 9.04 -27.27 6.32
C PRO C 241 10.11 -28.34 6.48
N ASN C 242 9.72 -29.61 6.56
CA ASN C 242 10.72 -30.67 6.70
C ASN C 242 11.44 -30.94 5.39
N GLY C 243 10.83 -30.61 4.27
CA GLY C 243 11.44 -30.83 2.97
C GLY C 243 11.08 -32.13 2.29
N ASN C 244 10.03 -32.82 2.73
CA ASN C 244 9.60 -34.07 2.12
C ASN C 244 8.20 -34.02 1.53
N ALA C 245 7.54 -32.87 1.54
CA ALA C 245 6.20 -32.74 0.98
C ALA C 245 6.04 -31.36 0.38
N PHE C 246 5.07 -31.24 -0.54
CA PHE C 246 4.77 -29.96 -1.14
C PHE C 246 3.32 -29.94 -1.58
N ALA C 247 2.76 -28.73 -1.67
CA ALA C 247 1.37 -28.52 -2.06
C ALA C 247 1.31 -27.97 -3.48
N THR C 248 0.15 -28.13 -4.11
CA THR C 248 -0.07 -27.71 -5.48
C THR C 248 -1.40 -26.98 -5.57
N GLY C 249 -1.35 -25.70 -5.91
CA GLY C 249 -2.56 -24.92 -6.14
C GLY C 249 -2.84 -24.82 -7.63
N SER C 250 -4.06 -25.14 -8.01
CA SER C 250 -4.47 -25.15 -9.41
C SER C 250 -5.77 -24.37 -9.58
N ASP C 251 -6.15 -24.17 -10.84
CA ASP C 251 -7.36 -23.42 -11.16
C ASP C 251 -8.63 -24.18 -10.82
N ASP C 252 -8.55 -25.46 -10.49
CA ASP C 252 -9.73 -26.25 -10.18
C ASP C 252 -10.18 -26.10 -8.73
N ALA C 253 -9.73 -25.05 -8.04
CA ALA C 253 -10.20 -24.73 -6.69
C ALA C 253 -9.98 -25.89 -5.72
N THR C 254 -8.78 -26.46 -5.75
CA THR C 254 -8.48 -27.61 -4.90
C THR C 254 -6.98 -27.71 -4.69
N CYS C 255 -6.54 -27.63 -3.43
CA CYS C 255 -5.15 -27.88 -3.10
C CYS C 255 -4.89 -29.38 -3.09
N ARG C 256 -3.61 -29.74 -3.21
CA ARG C 256 -3.24 -31.16 -3.34
C ARG C 256 -1.86 -31.35 -2.72
N LEU C 257 -1.84 -31.99 -1.55
CA LEU C 257 -0.60 -32.25 -0.83
C LEU C 257 0.05 -33.52 -1.40
N PHE C 258 1.31 -33.43 -1.78
CA PHE C 258 2.06 -34.53 -2.34
C PHE C 258 3.17 -34.96 -1.37
N ASP C 259 3.95 -35.95 -1.79
CA ASP C 259 5.06 -36.43 -0.99
C ASP C 259 6.17 -36.90 -1.91
N LEU C 260 7.42 -36.53 -1.56
CA LEU C 260 8.56 -36.89 -2.40
C LEU C 260 8.88 -38.38 -2.27
N ARG C 261 8.90 -38.89 -1.04
CA ARG C 261 9.26 -40.29 -0.83
C ARG C 261 8.18 -41.23 -1.36
N ALA C 262 6.91 -40.94 -1.04
CA ALA C 262 5.83 -41.81 -1.48
C ALA C 262 5.57 -41.68 -2.98
N ASP C 263 5.84 -40.52 -3.56
CA ASP C 263 5.61 -40.24 -4.97
C ASP C 263 4.12 -40.49 -5.31
N GLN C 264 3.27 -39.71 -4.66
CA GLN C 264 1.82 -39.90 -4.76
C GLN C 264 1.11 -38.75 -4.09
N GLU C 265 -0.12 -38.51 -4.52
CA GLU C 265 -1.03 -37.67 -3.75
C GLU C 265 -1.20 -38.23 -2.35
N LEU C 266 -1.15 -37.35 -1.35
CA LEU C 266 -1.36 -37.76 0.02
C LEU C 266 -2.74 -37.39 0.54
N MET C 267 -3.26 -36.22 0.15
CA MET C 267 -4.56 -35.78 0.65
C MET C 267 -5.02 -34.59 -0.18
N THR C 268 -6.33 -34.48 -0.36
CA THR C 268 -6.93 -33.42 -1.16
C THR C 268 -7.57 -32.37 -0.25
N TYR C 269 -7.79 -31.19 -0.83
CA TYR C 269 -8.39 -30.05 -0.11
C TYR C 269 -9.39 -29.39 -1.05
N SER C 270 -10.67 -29.74 -0.92
CA SER C 270 -11.71 -29.24 -1.81
C SER C 270 -12.89 -28.73 -1.00
N HIS C 271 -13.54 -27.69 -1.54
CA HIS C 271 -14.77 -27.15 -0.97
C HIS C 271 -15.63 -26.62 -2.11
N ASP C 272 -16.88 -27.09 -2.18
CA ASP C 272 -17.74 -26.76 -3.31
C ASP C 272 -18.11 -25.29 -3.33
N ASN C 273 -18.22 -24.65 -2.16
CA ASN C 273 -18.59 -23.24 -2.12
C ASN C 273 -17.54 -22.35 -2.79
N ILE C 274 -16.33 -22.86 -2.98
CA ILE C 274 -15.29 -22.15 -3.72
C ILE C 274 -15.24 -22.77 -5.12
N ILE C 275 -15.45 -21.95 -6.15
CA ILE C 275 -15.48 -22.41 -7.52
C ILE C 275 -14.50 -21.53 -8.31
N CYS C 276 -13.55 -20.93 -7.60
CA CYS C 276 -12.58 -20.03 -8.19
C CYS C 276 -11.17 -20.56 -7.96
N GLY C 277 -10.26 -20.20 -8.85
CA GLY C 277 -8.93 -20.79 -8.87
C GLY C 277 -8.06 -20.33 -7.70
N ILE C 278 -6.84 -20.86 -7.70
CA ILE C 278 -5.86 -20.63 -6.63
C ILE C 278 -4.77 -19.73 -7.18
N THR C 279 -4.40 -18.71 -6.41
CA THR C 279 -3.35 -17.77 -6.84
C THR C 279 -2.00 -18.06 -6.21
N SER C 280 -1.96 -18.44 -4.94
CA SER C 280 -0.69 -18.74 -4.29
C SER C 280 -0.96 -19.56 -3.03
N VAL C 281 -0.01 -20.44 -2.70
CA VAL C 281 -0.10 -21.34 -1.57
C VAL C 281 1.16 -21.21 -0.73
N SER C 282 1.01 -21.17 0.59
CA SER C 282 2.14 -21.05 1.48
C SER C 282 1.86 -21.81 2.77
N PHE C 283 2.80 -22.66 3.18
CA PHE C 283 2.67 -23.41 4.42
C PHE C 283 2.95 -22.51 5.62
N SER C 284 2.96 -23.12 6.80
CA SER C 284 3.33 -22.45 8.04
C SER C 284 4.67 -22.97 8.52
N LYS C 285 5.12 -22.46 9.67
CA LYS C 285 6.43 -22.85 10.19
C LYS C 285 6.47 -24.33 10.57
N SER C 286 5.41 -24.82 11.21
CA SER C 286 5.37 -26.20 11.68
C SER C 286 4.72 -27.16 10.69
N GLY C 287 4.32 -26.67 9.52
CA GLY C 287 3.65 -27.53 8.56
C GLY C 287 2.29 -28.03 9.01
N ARG C 288 1.47 -27.16 9.60
CA ARG C 288 0.14 -27.52 10.05
C ARG C 288 -0.96 -26.74 9.36
N LEU C 289 -0.72 -25.47 9.05
CA LEU C 289 -1.71 -24.61 8.40
C LEU C 289 -1.27 -24.34 6.98
N LEU C 290 -2.14 -24.66 6.02
CA LEU C 290 -1.87 -24.50 4.59
C LEU C 290 -2.69 -23.31 4.10
N LEU C 291 -2.11 -22.12 4.19
CA LEU C 291 -2.79 -20.93 3.69
C LEU C 291 -2.83 -20.95 2.17
N ALA C 292 -4.02 -20.79 1.60
CA ALA C 292 -4.20 -20.82 0.16
C ALA C 292 -4.99 -19.59 -0.26
N GLY C 293 -4.44 -18.84 -1.21
CA GLY C 293 -5.08 -17.62 -1.67
C GLY C 293 -5.82 -17.78 -2.97
N TYR C 294 -7.15 -17.83 -2.88
CA TYR C 294 -7.99 -17.95 -4.06
C TYR C 294 -8.36 -16.58 -4.62
N ASP C 295 -8.68 -16.55 -5.91
CA ASP C 295 -9.04 -15.32 -6.59
C ASP C 295 -10.51 -14.95 -6.42
N ASP C 296 -11.16 -15.48 -5.38
CA ASP C 296 -12.54 -15.11 -5.04
C ASP C 296 -12.60 -14.05 -3.96
N PHE C 297 -11.60 -13.16 -3.95
CA PHE C 297 -11.53 -11.95 -3.13
C PHE C 297 -11.28 -12.22 -1.66
N ASN C 298 -10.94 -13.45 -1.28
CA ASN C 298 -10.59 -13.72 0.12
C ASN C 298 -9.81 -15.02 0.20
N CYS C 299 -8.75 -15.01 1.00
CA CYS C 299 -7.96 -16.18 1.32
C CYS C 299 -8.46 -16.82 2.60
N ASN C 300 -8.25 -18.13 2.74
CA ASN C 300 -8.68 -18.87 3.91
C ASN C 300 -7.55 -19.78 4.38
N VAL C 301 -7.63 -20.16 5.66
CA VAL C 301 -6.64 -21.01 6.30
C VAL C 301 -7.19 -22.42 6.39
N TRP C 302 -6.39 -23.39 5.96
CA TRP C 302 -6.74 -24.80 6.03
C TRP C 302 -5.90 -25.48 7.10
N ASP C 303 -6.11 -26.79 7.25
CA ASP C 303 -5.29 -27.63 8.10
C ASP C 303 -4.60 -28.69 7.24
N ALA C 304 -3.30 -28.88 7.45
CA ALA C 304 -2.53 -29.77 6.61
C ALA C 304 -2.85 -31.24 6.83
N LEU C 305 -3.65 -31.57 7.84
CA LEU C 305 -3.87 -32.96 8.21
C LEU C 305 -5.31 -33.44 8.08
N LYS C 306 -6.31 -32.57 8.27
CA LYS C 306 -7.69 -33.05 8.26
C LYS C 306 -8.65 -32.13 7.51
N ALA C 307 -8.16 -31.31 6.59
CA ALA C 307 -9.01 -30.56 5.65
C ALA C 307 -10.06 -29.73 6.38
N ASP C 308 -9.68 -29.17 7.52
CA ASP C 308 -10.58 -28.37 8.32
C ASP C 308 -10.36 -26.90 7.96
N ARG C 309 -11.40 -26.27 7.41
CA ARG C 309 -11.34 -24.86 7.02
C ARG C 309 -11.40 -24.03 8.30
N ALA C 310 -10.24 -23.94 8.96
CA ALA C 310 -10.20 -23.35 10.30
C ALA C 310 -10.56 -21.87 10.29
N GLY C 311 -10.06 -21.12 9.31
CA GLY C 311 -10.30 -19.69 9.29
C GLY C 311 -10.22 -19.12 7.90
N VAL C 312 -10.66 -17.87 7.77
CA VAL C 312 -10.68 -17.15 6.51
C VAL C 312 -10.13 -15.75 6.73
N LEU C 313 -9.23 -15.32 5.85
CA LEU C 313 -8.71 -13.96 5.84
C LEU C 313 -9.47 -13.18 4.77
N ALA C 314 -10.43 -12.36 5.20
CA ALA C 314 -11.30 -11.67 4.26
C ALA C 314 -11.27 -10.16 4.47
N GLY C 315 -10.07 -9.60 4.62
CA GLY C 315 -9.90 -8.17 4.76
C GLY C 315 -9.42 -7.46 3.53
N HIS C 316 -9.48 -8.10 2.36
CA HIS C 316 -8.94 -7.54 1.12
C HIS C 316 -10.07 -7.17 0.18
N ASP C 317 -9.95 -5.98 -0.42
CA ASP C 317 -10.96 -5.50 -1.36
C ASP C 317 -10.98 -6.41 -2.60
N ASN C 318 -9.81 -6.67 -3.17
CA ASN C 318 -9.66 -7.47 -4.37
C ASN C 318 -9.04 -8.82 -4.02
N ARG C 319 -8.75 -9.61 -5.05
CA ARG C 319 -8.18 -10.94 -4.85
C ARG C 319 -6.76 -10.85 -4.29
N VAL C 320 -6.38 -11.89 -3.57
CA VAL C 320 -5.00 -12.01 -3.08
C VAL C 320 -4.16 -12.68 -4.16
N SER C 321 -3.14 -11.97 -4.63
CA SER C 321 -2.30 -12.51 -5.70
C SER C 321 -1.17 -13.38 -5.16
N CYS C 322 -0.38 -12.85 -4.23
CA CYS C 322 0.73 -13.58 -3.66
C CYS C 322 0.71 -13.45 -2.14
N LEU C 323 1.18 -14.51 -1.47
CA LEU C 323 1.29 -14.49 -0.01
C LEU C 323 2.51 -15.30 0.39
N GLY C 324 2.97 -15.05 1.61
CA GLY C 324 4.15 -15.73 2.12
C GLY C 324 4.17 -15.70 3.63
N VAL C 325 5.04 -16.54 4.18
CA VAL C 325 5.18 -16.68 5.64
C VAL C 325 6.62 -16.38 6.02
N THR C 326 6.81 -15.89 7.24
CA THR C 326 8.14 -15.57 7.71
C THR C 326 8.95 -16.84 7.94
N ASP C 327 10.27 -16.67 8.06
CA ASP C 327 11.15 -17.79 8.33
C ASP C 327 11.11 -18.22 9.79
N ASP C 328 10.47 -17.44 10.66
CA ASP C 328 10.27 -17.82 12.05
C ASP C 328 8.81 -18.06 12.39
N GLY C 329 7.91 -17.95 11.43
CA GLY C 329 6.53 -18.33 11.61
C GLY C 329 5.66 -17.34 12.35
N MET C 330 6.14 -16.12 12.58
CA MET C 330 5.38 -15.21 13.44
C MET C 330 4.15 -14.64 12.74
N ALA C 331 4.21 -14.43 11.43
CA ALA C 331 3.10 -13.78 10.75
C ALA C 331 3.10 -14.21 9.28
N VAL C 332 2.05 -13.79 8.58
CA VAL C 332 1.95 -13.96 7.13
C VAL C 332 1.52 -12.64 6.53
N ALA C 333 1.81 -12.47 5.25
CA ALA C 333 1.42 -11.27 4.52
C ALA C 333 0.72 -11.68 3.24
N THR C 334 -0.11 -10.78 2.72
CA THR C 334 -0.94 -11.07 1.55
C THR C 334 -0.97 -9.83 0.67
N GLY C 335 -0.21 -9.85 -0.42
CA GLY C 335 -0.31 -8.79 -1.41
C GLY C 335 -1.50 -9.03 -2.32
N SER C 336 -2.36 -8.02 -2.43
CA SER C 336 -3.59 -8.13 -3.19
C SER C 336 -3.57 -7.17 -4.38
N TRP C 337 -4.70 -7.10 -5.08
CA TRP C 337 -4.82 -6.33 -6.31
C TRP C 337 -5.31 -4.91 -6.09
N ASP C 338 -5.50 -4.49 -4.83
CA ASP C 338 -5.87 -3.11 -4.53
C ASP C 338 -4.68 -2.30 -4.04
N SER C 339 -3.46 -2.76 -4.32
CA SER C 339 -2.22 -2.07 -3.90
C SER C 339 -2.11 -2.00 -2.38
N PHE C 340 -2.42 -3.10 -1.71
CA PHE C 340 -2.34 -3.18 -0.26
C PHE C 340 -1.63 -4.46 0.16
N LEU C 341 -0.65 -4.33 1.04
CA LEU C 341 -0.05 -5.46 1.72
C LEU C 341 -0.55 -5.47 3.16
N LYS C 342 -1.05 -6.63 3.61
CA LYS C 342 -1.58 -6.77 4.95
C LYS C 342 -0.85 -7.91 5.65
N ILE C 343 -0.34 -7.64 6.85
CA ILE C 343 0.37 -8.63 7.64
C ILE C 343 -0.60 -9.21 8.65
N TRP C 344 -0.91 -10.49 8.52
CA TRP C 344 -1.87 -11.17 9.36
C TRP C 344 -1.15 -11.99 10.42
N ASN C 345 -1.58 -11.83 11.67
CA ASN C 345 -1.01 -12.59 12.77
C ASN C 345 -2.08 -12.95 13.79
N THR D 6 13.63 -37.33 -37.32
CA THR D 6 14.27 -37.79 -36.10
C THR D 6 13.72 -37.06 -34.88
N ALA D 7 12.89 -36.05 -35.13
CA ALA D 7 12.29 -35.28 -34.03
C ALA D 7 11.43 -36.19 -33.14
N SER D 8 10.51 -36.93 -33.77
CA SER D 8 9.69 -37.87 -33.01
C SER D 8 10.53 -38.97 -32.41
N ILE D 9 11.53 -39.45 -33.15
CA ILE D 9 12.39 -40.53 -32.64
C ILE D 9 13.16 -40.07 -31.42
N ALA D 10 13.77 -38.88 -31.49
CA ALA D 10 14.53 -38.38 -30.35
C ALA D 10 13.61 -38.05 -29.17
N GLN D 11 12.43 -37.50 -29.46
CA GLN D 11 11.46 -37.22 -28.40
C GLN D 11 11.06 -38.49 -27.67
N ALA D 12 10.78 -39.55 -28.43
CA ALA D 12 10.40 -40.82 -27.82
C ALA D 12 11.58 -41.45 -27.08
N ARG D 13 12.79 -41.28 -27.58
CA ARG D 13 13.96 -41.80 -26.88
C ARG D 13 14.13 -41.12 -25.52
N LYS D 14 14.03 -39.78 -25.50
CA LYS D 14 14.14 -39.06 -24.23
C LYS D 14 13.00 -39.43 -23.29
N LEU D 15 11.78 -39.58 -23.83
CA LEU D 15 10.64 -40.00 -23.02
C LEU D 15 10.87 -41.36 -22.41
N VAL D 16 11.42 -42.30 -23.20
CA VAL D 16 11.71 -43.63 -22.70
C VAL D 16 12.74 -43.55 -21.58
N GLU D 17 13.81 -42.76 -21.79
CA GLU D 17 14.82 -42.61 -20.75
C GLU D 17 14.22 -42.08 -19.46
N GLN D 18 13.41 -41.03 -19.55
CA GLN D 18 12.85 -40.42 -18.35
C GLN D 18 11.90 -41.37 -17.64
N LEU D 19 10.94 -41.93 -18.38
CA LEU D 19 9.96 -42.83 -17.76
C LEU D 19 10.56 -44.17 -17.40
N LYS D 20 11.83 -44.40 -17.77
CA LYS D 20 12.52 -45.60 -17.32
C LYS D 20 13.26 -45.36 -16.01
N MET D 21 14.16 -44.38 -16.00
CA MET D 21 14.95 -44.16 -14.78
C MET D 21 14.12 -43.51 -13.68
N GLU D 22 13.24 -42.56 -14.00
CA GLU D 22 12.42 -41.93 -12.96
C GLU D 22 11.62 -42.96 -12.18
N ALA D 23 10.89 -43.82 -12.91
CA ALA D 23 10.10 -44.92 -12.36
C ALA D 23 9.51 -44.66 -10.97
N ASN D 24 9.87 -45.51 -10.01
CA ASN D 24 9.29 -45.45 -8.67
C ASN D 24 10.35 -45.73 -7.59
N ILE D 25 11.63 -45.52 -7.91
CA ILE D 25 12.75 -46.00 -7.09
C ILE D 25 12.59 -45.59 -5.63
N ASP D 26 12.53 -46.58 -4.75
CA ASP D 26 12.35 -46.43 -3.31
C ASP D 26 11.01 -45.79 -2.98
N ARG D 27 10.26 -46.40 -2.07
CA ARG D 27 8.92 -45.95 -1.76
C ARG D 27 8.56 -46.41 -0.35
N ILE D 28 7.59 -45.73 0.25
CA ILE D 28 7.17 -45.98 1.62
C ILE D 28 5.65 -46.10 1.65
N LYS D 29 5.12 -46.42 2.83
CA LYS D 29 3.70 -46.57 3.04
C LYS D 29 3.07 -45.22 3.35
N VAL D 30 1.83 -45.03 2.92
CA VAL D 30 1.09 -43.81 3.24
C VAL D 30 1.00 -43.63 4.75
N SER D 31 0.85 -44.73 5.48
CA SER D 31 0.84 -44.66 6.94
C SER D 31 2.17 -44.12 7.46
N LYS D 32 3.28 -44.58 6.88
CA LYS D 32 4.60 -44.12 7.33
C LYS D 32 4.77 -42.62 7.08
N ALA D 33 4.42 -42.16 5.88
CA ALA D 33 4.54 -40.75 5.56
C ALA D 33 3.63 -39.90 6.45
N ALA D 34 2.41 -40.38 6.68
CA ALA D 34 1.50 -39.67 7.56
C ALA D 34 2.05 -39.58 8.99
N ALA D 35 2.60 -40.68 9.49
CA ALA D 35 3.19 -40.69 10.82
C ALA D 35 4.35 -39.71 10.91
N ASP D 36 5.19 -39.67 9.87
CA ASP D 36 6.27 -38.69 9.82
C ASP D 36 5.72 -37.27 9.87
N LEU D 37 4.64 -37.01 9.13
CA LEU D 37 4.06 -35.67 9.08
C LEU D 37 3.53 -35.24 10.45
N MET D 38 2.76 -36.12 11.11
CA MET D 38 2.26 -35.74 12.43
C MET D 38 3.37 -35.68 13.46
N ALA D 39 4.41 -36.49 13.33
CA ALA D 39 5.56 -36.39 14.23
C ALA D 39 6.22 -35.04 14.10
N TYR D 40 6.44 -34.60 12.86
CA TYR D 40 7.03 -33.28 12.64
C TYR D 40 6.12 -32.17 13.17
N CYS D 41 4.81 -32.30 12.94
CA CYS D 41 3.89 -31.27 13.39
C CYS D 41 3.85 -31.17 14.92
N GLU D 42 3.79 -32.32 15.60
CA GLU D 42 3.71 -32.30 17.05
C GLU D 42 5.04 -31.93 17.70
N ALA D 43 6.15 -32.23 17.03
CA ALA D 43 7.45 -31.82 17.56
C ALA D 43 7.69 -30.32 17.41
N HIS D 44 6.88 -29.62 16.61
CA HIS D 44 7.04 -28.19 16.39
C HIS D 44 5.73 -27.42 16.61
N ALA D 45 4.79 -28.01 17.34
CA ALA D 45 3.51 -27.34 17.56
C ALA D 45 3.66 -26.12 18.46
N LYS D 46 4.60 -26.15 19.41
CA LYS D 46 4.79 -25.01 20.31
C LYS D 46 5.49 -23.85 19.61
N GLU D 47 6.47 -24.15 18.75
CA GLU D 47 7.25 -23.13 18.07
C GLU D 47 6.58 -22.59 16.81
N ASP D 48 5.27 -22.74 16.68
CA ASP D 48 4.51 -22.18 15.57
C ASP D 48 3.56 -21.14 16.14
N PRO D 49 3.89 -19.85 16.04
CA PRO D 49 3.03 -18.82 16.63
C PRO D 49 1.61 -18.81 16.07
N LEU D 50 1.43 -19.17 14.81
CA LEU D 50 0.08 -19.18 14.24
C LEU D 50 -0.78 -20.27 14.88
N LEU D 51 -0.20 -21.44 15.14
CA LEU D 51 -0.97 -22.52 15.77
C LEU D 51 -1.38 -22.18 17.19
N THR D 52 -0.46 -21.57 17.96
CA THR D 52 -0.72 -21.16 19.34
C THR D 52 -0.56 -19.65 19.41
N PRO D 53 -1.67 -18.88 19.28
CA PRO D 53 -1.57 -17.41 19.34
C PRO D 53 -0.79 -16.92 20.56
N VAL D 54 0.36 -16.33 20.32
CA VAL D 54 1.28 -15.91 21.37
C VAL D 54 0.79 -14.62 22.01
N PRO D 55 1.16 -14.33 23.25
CA PRO D 55 0.74 -13.07 23.88
C PRO D 55 1.38 -11.87 23.21
N ALA D 56 0.68 -10.73 23.33
CA ALA D 56 1.14 -9.51 22.67
C ALA D 56 2.49 -9.03 23.17
N SER D 57 2.88 -9.38 24.40
CA SER D 57 4.16 -8.91 24.93
C SER D 57 5.33 -9.44 24.10
N GLU D 58 5.31 -10.73 23.74
CA GLU D 58 6.36 -11.29 22.91
C GLU D 58 6.18 -10.88 21.45
N ASN D 59 4.96 -10.58 21.04
CA ASN D 59 4.67 -10.27 19.64
C ASN D 59 5.38 -8.98 19.21
N PRO D 60 6.10 -9.01 18.08
CA PRO D 60 6.72 -7.76 17.58
C PRO D 60 5.77 -6.90 16.76
N PHE D 61 4.60 -7.41 16.38
CA PHE D 61 3.58 -6.63 15.72
C PHE D 61 2.57 -6.17 16.77
N ARG D 62 2.45 -4.86 16.93
CA ARG D 62 1.55 -4.28 17.92
C ARG D 62 1.09 -2.93 17.45
N GLU D 63 -0.03 -2.47 18.01
CA GLU D 63 -0.59 -1.17 17.66
C GLU D 63 0.06 -0.07 18.49
N ASP E 1 36.05 6.59 -6.59
CA ASP E 1 35.96 6.29 -5.17
C ASP E 1 35.34 7.45 -4.39
N VAL E 2 34.72 7.14 -3.25
CA VAL E 2 34.07 8.17 -2.46
C VAL E 2 35.10 9.15 -1.92
N GLN E 3 34.77 10.43 -2.00
CA GLN E 3 35.61 11.48 -1.43
C GLN E 3 34.73 12.65 -1.04
N LEU E 4 35.19 13.40 -0.03
CA LEU E 4 34.47 14.58 0.47
C LEU E 4 35.50 15.68 0.71
N VAL E 5 35.72 16.50 -0.30
CA VAL E 5 36.71 17.57 -0.23
C VAL E 5 36.02 18.86 0.18
N GLU E 6 36.51 19.48 1.25
CA GLU E 6 36.00 20.75 1.75
C GLU E 6 37.05 21.83 1.55
N SER E 7 36.64 23.07 1.77
CA SER E 7 37.51 24.21 1.50
C SER E 7 37.16 25.36 2.44
N GLY E 8 38.10 26.28 2.57
CA GLY E 8 37.93 27.48 3.37
C GLY E 8 38.83 27.49 4.60
N GLY E 9 38.76 28.60 5.32
CA GLY E 9 39.49 28.75 6.55
C GLY E 9 40.98 29.01 6.38
N GLY E 10 41.68 29.26 7.49
CA GLY E 10 43.11 29.46 7.46
C GLY E 10 43.58 30.61 8.32
N LEU E 11 42.79 31.69 8.38
CA LEU E 11 43.08 32.81 9.26
C LEU E 11 41.84 33.68 9.42
N VAL E 12 41.36 33.84 10.66
CA VAL E 12 40.15 34.61 10.94
C VAL E 12 40.39 35.49 12.15
N GLN E 13 39.90 36.73 12.07
CA GLN E 13 39.90 37.60 13.23
C GLN E 13 38.67 37.31 14.09
N PRO E 14 38.76 37.55 15.41
CA PRO E 14 37.62 37.27 16.29
C PRO E 14 36.39 38.08 15.88
N GLY E 15 35.22 37.44 16.01
CA GLY E 15 33.98 38.09 15.66
C GLY E 15 33.65 38.13 14.19
N GLY E 16 34.45 37.47 13.35
CA GLY E 16 34.25 37.50 11.92
C GLY E 16 33.24 36.47 11.44
N SER E 17 33.33 36.15 10.15
CA SER E 17 32.43 35.19 9.54
C SER E 17 33.13 34.54 8.35
N ARG E 18 32.99 33.22 8.23
CA ARG E 18 33.64 32.47 7.16
C ARG E 18 32.66 31.45 6.61
N LYS E 19 33.09 30.74 5.56
CA LYS E 19 32.28 29.75 4.88
C LYS E 19 33.13 28.54 4.54
N LEU E 20 32.59 27.34 4.79
CA LEU E 20 33.22 26.09 4.39
C LEU E 20 32.33 25.41 3.36
N SER E 21 32.91 25.07 2.21
CA SER E 21 32.20 24.43 1.11
C SER E 21 32.63 22.97 1.05
N CYS E 22 31.85 22.09 1.67
CA CYS E 22 32.10 20.66 1.64
C CYS E 22 31.36 20.05 0.46
N SER E 23 32.09 19.35 -0.40
CA SER E 23 31.55 18.83 -1.66
C SER E 23 31.79 17.33 -1.75
N ALA E 24 30.74 16.60 -2.13
CA ALA E 24 30.83 15.16 -2.41
C ALA E 24 30.75 15.00 -3.92
N SER E 25 31.87 14.61 -4.53
CA SER E 25 32.00 14.61 -6.00
C SER E 25 31.57 13.27 -6.55
N GLY E 26 30.47 13.27 -7.31
CA GLY E 26 30.12 12.13 -8.14
C GLY E 26 29.34 11.01 -7.50
N PHE E 27 28.64 11.26 -6.39
CA PHE E 27 27.87 10.23 -5.72
C PHE E 27 26.57 10.83 -5.19
N ALA E 28 25.70 9.97 -4.69
CA ALA E 28 24.41 10.41 -4.18
C ALA E 28 24.60 11.38 -3.02
N PHE E 29 23.84 12.45 -3.03
CA PHE E 29 23.92 13.48 -2.01
C PHE E 29 22.57 13.78 -1.37
N SER E 30 21.49 13.73 -2.14
CA SER E 30 20.17 14.00 -1.59
C SER E 30 19.70 12.91 -0.63
N SER E 31 20.19 11.67 -0.81
CA SER E 31 19.80 10.59 0.07
C SER E 31 20.50 10.65 1.41
N PHE E 32 21.76 11.08 1.43
CA PHE E 32 22.57 11.05 2.64
C PHE E 32 22.31 12.27 3.51
N GLY E 33 22.34 12.05 4.82
CA GLY E 33 22.50 13.15 5.75
C GLY E 33 23.97 13.50 5.93
N MET E 34 24.21 14.69 6.48
CA MET E 34 25.57 15.16 6.67
C MET E 34 25.69 15.85 8.02
N HIS E 35 26.80 15.62 8.71
CA HIS E 35 27.10 16.29 9.96
C HIS E 35 28.35 17.14 9.80
N TRP E 36 28.66 17.91 10.83
CA TRP E 36 29.89 18.70 10.92
C TRP E 36 30.58 18.33 12.22
N VAL E 37 31.74 17.71 12.12
CA VAL E 37 32.51 17.28 13.28
C VAL E 37 33.77 18.13 13.35
N ARG E 38 33.88 18.94 14.41
CA ARG E 38 35.02 19.81 14.62
C ARG E 38 35.94 19.21 15.67
N GLN E 39 37.24 19.31 15.44
CA GLN E 39 38.25 18.74 16.33
C GLN E 39 39.17 19.87 16.79
N ALA E 40 39.10 20.19 18.09
CA ALA E 40 39.98 21.19 18.66
C ALA E 40 41.43 20.70 18.56
N PRO E 41 42.39 21.63 18.50
CA PRO E 41 43.79 21.23 18.32
C PRO E 41 44.25 20.29 19.42
N GLU E 42 44.82 19.15 19.01
CA GLU E 42 45.26 18.08 19.91
C GLU E 42 44.22 17.73 20.97
N LYS E 43 42.94 17.92 20.66
CA LYS E 43 41.83 17.53 21.52
C LYS E 43 40.97 16.49 20.79
N GLY E 44 39.85 16.13 21.42
CA GLY E 44 38.94 15.16 20.85
C GLY E 44 37.92 15.79 19.92
N LEU E 45 37.11 14.92 19.32
CA LEU E 45 36.07 15.37 18.40
C LEU E 45 34.90 15.99 19.15
N GLU E 46 34.18 16.86 18.45
CA GLU E 46 33.01 17.53 19.02
C GLU E 46 32.02 17.80 17.91
N TRP E 47 30.81 17.26 18.04
CA TRP E 47 29.77 17.44 17.04
C TRP E 47 29.31 18.90 17.01
N VAL E 48 29.00 19.39 15.81
CA VAL E 48 28.70 20.80 15.57
C VAL E 48 27.31 20.99 14.97
N ALA E 49 27.02 20.31 13.86
CA ALA E 49 25.77 20.53 13.17
C ALA E 49 25.42 19.29 12.35
N TYR E 50 24.17 19.24 11.91
CA TYR E 50 23.68 18.13 11.09
C TYR E 50 22.45 18.57 10.34
N ILE E 51 22.48 18.47 9.02
CA ILE E 51 21.31 18.72 8.17
C ILE E 51 20.87 17.40 7.57
N SER E 52 19.56 17.14 7.61
CA SER E 52 19.03 15.85 7.18
C SER E 52 18.92 15.80 5.66
N SER E 53 18.26 14.78 5.14
CA SER E 53 18.02 14.66 3.71
C SER E 53 16.78 15.46 3.34
N GLY E 54 16.91 16.32 2.33
CA GLY E 54 15.85 17.24 2.00
C GLY E 54 15.77 18.47 2.88
N SER E 55 16.75 18.67 3.75
CA SER E 55 16.81 19.83 4.64
C SER E 55 15.58 19.94 5.53
N GLY E 56 14.98 18.81 5.88
CA GLY E 56 13.83 18.79 6.76
C GLY E 56 14.13 18.76 8.24
N THR E 57 15.41 18.63 8.61
CA THR E 57 15.80 18.57 10.00
C THR E 57 17.19 19.16 10.15
N ILE E 58 17.35 20.13 11.06
CA ILE E 58 18.61 20.81 11.27
C ILE E 58 18.84 20.92 12.78
N TYR E 59 20.04 20.55 13.22
CA TYR E 59 20.37 20.53 14.64
C TYR E 59 21.75 21.11 14.87
N TYR E 60 21.89 21.96 15.88
CA TYR E 60 23.17 22.54 16.26
C TYR E 60 23.51 22.15 17.69
N ALA E 61 24.80 22.18 18.00
CA ALA E 61 25.25 22.01 19.37
C ALA E 61 24.86 23.23 20.20
N ASP E 62 24.63 22.99 21.48
CA ASP E 62 24.16 24.07 22.37
C ASP E 62 25.17 25.19 22.51
N THR E 63 26.46 24.91 22.29
CA THR E 63 27.50 25.92 22.45
C THR E 63 27.68 26.80 21.21
N VAL E 64 27.01 26.47 20.10
CA VAL E 64 27.16 27.24 18.87
C VAL E 64 25.80 27.60 18.32
N LYS E 65 24.75 27.29 19.09
CA LYS E 65 23.39 27.59 18.65
C LYS E 65 23.20 29.10 18.54
N GLY E 66 22.69 29.53 17.38
CA GLY E 66 22.50 30.94 17.09
C GLY E 66 23.68 31.63 16.46
N ARG E 67 24.87 31.03 16.52
CA ARG E 67 26.05 31.58 15.88
C ARG E 67 26.42 30.86 14.59
N PHE E 68 26.02 29.61 14.43
CA PHE E 68 26.37 28.81 13.28
C PHE E 68 25.10 28.45 12.50
N THR E 69 25.24 28.34 11.18
CA THR E 69 24.17 27.87 10.31
C THR E 69 24.73 26.82 9.36
N ILE E 70 23.90 25.85 9.00
CA ILE E 70 24.30 24.75 8.12
C ILE E 70 23.29 24.67 6.99
N SER E 71 23.78 24.67 5.76
CA SER E 71 22.93 24.59 4.58
C SER E 71 23.56 23.66 3.55
N ARG E 72 22.72 23.09 2.70
CA ARG E 72 23.15 22.18 1.66
C ARG E 72 22.61 22.64 0.32
N ASP E 73 23.37 22.33 -0.74
CA ASP E 73 22.99 22.67 -2.11
C ASP E 73 23.08 21.35 -2.88
N ASP E 74 21.94 20.66 -2.98
CA ASP E 74 21.93 19.32 -3.57
C ASP E 74 22.34 19.30 -5.04
N PRO E 75 21.83 20.16 -5.92
CA PRO E 75 22.19 20.04 -7.35
C PRO E 75 23.68 20.12 -7.62
N LYS E 76 24.42 20.95 -6.88
CA LYS E 76 25.85 21.10 -7.09
C LYS E 76 26.68 20.30 -6.10
N ASN E 77 26.04 19.53 -5.22
CA ASN E 77 26.73 18.66 -4.26
C ASN E 77 27.68 19.46 -3.38
N THR E 78 27.11 20.38 -2.60
CA THR E 78 27.90 21.21 -1.70
C THR E 78 27.20 21.34 -0.36
N LEU E 79 28.00 21.47 0.70
CA LEU E 79 27.51 21.68 2.06
C LEU E 79 28.20 22.89 2.65
N PHE E 80 27.44 23.73 3.35
CA PHE E 80 27.94 25.01 3.81
C PHE E 80 27.77 25.15 5.31
N LEU E 81 28.68 25.91 5.93
CA LEU E 81 28.61 26.25 7.34
C LEU E 81 28.94 27.72 7.51
N GLN E 82 27.94 28.52 7.88
CA GLN E 82 28.12 29.95 8.11
C GLN E 82 28.33 30.18 9.60
N MET E 83 29.49 30.73 9.96
CA MET E 83 29.81 31.06 11.34
C MET E 83 29.65 32.55 11.56
N THR E 84 29.02 32.92 12.67
CA THR E 84 28.90 34.32 13.08
C THR E 84 29.47 34.48 14.47
N SER E 85 30.19 35.59 14.69
CA SER E 85 30.84 35.89 15.97
C SER E 85 31.79 34.76 16.37
N LEU E 86 32.80 34.55 15.53
CA LEU E 86 33.79 33.50 15.78
C LEU E 86 34.61 33.84 17.01
N ARG E 87 34.40 33.09 18.09
CA ARG E 87 35.09 33.33 19.35
C ARG E 87 36.50 32.77 19.29
N SER E 88 37.21 32.80 20.42
CA SER E 88 38.58 32.31 20.47
C SER E 88 38.65 30.79 20.48
N GLU E 89 37.65 30.12 21.03
CA GLU E 89 37.66 28.67 21.16
C GLU E 89 37.20 27.95 19.90
N ASP E 90 36.81 28.69 18.86
CA ASP E 90 36.33 28.07 17.63
C ASP E 90 37.45 27.64 16.69
N THR E 91 38.71 27.94 17.02
CA THR E 91 39.82 27.49 16.19
C THR E 91 39.97 25.98 16.31
N ALA E 92 39.83 25.28 15.19
CA ALA E 92 39.83 23.82 15.19
C ALA E 92 39.89 23.35 13.74
N MET E 93 39.91 22.03 13.56
CA MET E 93 39.80 21.41 12.26
C MET E 93 38.39 20.88 12.08
N TYR E 94 37.79 21.16 10.93
CA TYR E 94 36.39 20.83 10.67
C TYR E 94 36.31 19.76 9.61
N TYR E 95 35.59 18.69 9.90
CA TYR E 95 35.44 17.55 9.01
C TYR E 95 34.03 17.53 8.43
N CYS E 96 33.85 16.68 7.41
CA CYS E 96 32.57 16.49 6.76
C CYS E 96 32.29 15.00 6.71
N VAL E 97 31.21 14.57 7.36
CA VAL E 97 30.89 13.15 7.47
C VAL E 97 29.52 12.91 6.86
N ARG E 98 29.38 11.79 6.16
CA ARG E 98 28.11 11.36 5.61
C ARG E 98 27.46 10.37 6.56
N SER E 99 26.14 10.41 6.62
CA SER E 99 25.39 9.53 7.51
C SER E 99 24.01 9.30 6.92
N ILE E 100 23.74 8.08 6.49
CA ILE E 100 22.47 7.69 5.88
C ILE E 100 21.74 6.77 6.84
N TYR E 101 20.49 7.08 7.14
CA TYR E 101 19.73 6.39 8.18
C TYR E 101 18.63 5.55 7.56
N TYR E 102 18.72 4.24 7.73
CA TYR E 102 17.63 3.31 7.47
C TYR E 102 17.97 2.00 8.17
N TYR E 103 17.01 1.08 8.20
CA TYR E 103 17.21 -0.17 8.94
C TYR E 103 18.34 -0.97 8.34
N GLY E 104 19.44 -1.10 9.08
CA GLY E 104 20.61 -1.80 8.60
C GLY E 104 21.70 -0.94 8.00
N SER E 105 21.54 0.38 8.05
CA SER E 105 22.53 1.29 7.49
C SER E 105 23.68 1.49 8.47
N SER E 106 24.76 2.10 7.95
CA SER E 106 25.97 2.36 8.74
C SER E 106 26.25 3.86 8.69
N PRO E 107 25.70 4.64 9.61
CA PRO E 107 25.98 6.09 9.61
C PRO E 107 27.43 6.38 9.95
N PHE E 108 27.85 7.59 9.58
CA PHE E 108 29.22 8.07 9.80
C PHE E 108 30.24 7.19 9.08
N ASP E 109 29.87 6.70 7.89
CA ASP E 109 30.72 5.76 7.18
C ASP E 109 31.98 6.44 6.65
N PHE E 110 31.84 7.59 6.03
CA PHE E 110 32.95 8.28 5.38
C PHE E 110 33.16 9.65 5.99
N TRP E 111 34.43 10.05 6.12
CA TRP E 111 34.81 11.31 6.73
C TRP E 111 35.63 12.14 5.75
N GLY E 112 35.41 13.44 5.76
CA GLY E 112 36.15 14.32 4.87
C GLY E 112 37.59 14.50 5.30
N GLN E 113 38.36 15.13 4.40
CA GLN E 113 39.77 15.34 4.69
C GLN E 113 39.98 16.36 5.81
N GLY E 114 39.22 17.45 5.79
CA GLY E 114 39.31 18.44 6.86
C GLY E 114 40.13 19.66 6.50
N THR E 115 39.58 20.84 6.74
CA THR E 115 40.26 22.11 6.51
C THR E 115 40.38 22.84 7.84
N THR E 116 41.62 23.19 8.21
CA THR E 116 41.85 23.87 9.47
C THR E 116 41.30 25.29 9.43
N LEU E 117 40.85 25.76 10.60
CA LEU E 117 40.40 27.13 10.78
C LEU E 117 41.08 27.71 12.00
N THR E 118 41.69 28.88 11.85
CA THR E 118 42.46 29.51 12.91
C THR E 118 41.84 30.85 13.26
N VAL E 119 41.67 31.10 14.56
CA VAL E 119 41.17 32.37 15.07
C VAL E 119 42.30 33.07 15.80
N SER E 120 42.58 34.31 15.42
CA SER E 120 43.66 35.06 16.04
C SER E 120 43.36 35.36 17.50
N SER E 121 44.39 35.23 18.34
CA SER E 121 44.24 35.50 19.77
C SER E 121 45.60 35.79 20.41
N SER E 136 21.67 17.28 31.42
CA SER E 136 21.68 17.88 30.10
C SER E 136 21.68 16.82 29.01
N ASP E 137 22.87 16.54 28.49
CA ASP E 137 23.06 15.54 27.45
C ASP E 137 23.85 14.36 28.00
N ILE E 138 23.89 13.28 27.20
CA ILE E 138 24.66 12.09 27.57
C ILE E 138 26.14 12.45 27.56
N VAL E 139 26.81 12.22 28.68
CA VAL E 139 28.25 12.44 28.80
C VAL E 139 28.95 11.09 28.86
N MET E 140 30.05 10.98 28.13
CA MET E 140 30.75 9.71 27.97
C MET E 140 32.23 9.92 28.29
N THR E 141 32.79 9.01 29.09
CA THR E 141 34.13 9.17 29.64
C THR E 141 35.02 8.02 29.25
N GLN E 142 36.28 8.33 28.93
CA GLN E 142 37.33 7.34 28.73
C GLN E 142 38.41 7.63 29.77
N ALA E 143 38.43 6.84 30.85
CA ALA E 143 39.39 7.07 31.92
C ALA E 143 40.82 6.89 31.44
N THR E 144 41.08 5.84 30.66
CA THR E 144 42.43 5.57 30.17
C THR E 144 42.78 6.54 29.05
N SER E 145 44.05 6.97 29.02
CA SER E 145 44.53 7.91 28.02
C SER E 145 45.51 7.27 27.05
N SER E 146 46.58 6.67 27.54
CA SER E 146 47.62 6.07 26.70
C SER E 146 47.84 4.63 27.11
N VAL E 147 47.86 3.73 26.12
CA VAL E 147 48.07 2.31 26.34
C VAL E 147 49.20 1.83 25.45
N PRO E 148 50.46 1.90 25.90
CA PRO E 148 51.58 1.43 25.07
C PRO E 148 51.66 -0.09 25.08
N VAL E 149 51.29 -0.70 23.96
CA VAL E 149 51.23 -2.16 23.82
C VAL E 149 51.98 -2.57 22.58
N THR E 150 52.87 -3.55 22.72
CA THR E 150 53.59 -4.09 21.58
C THR E 150 52.65 -4.93 20.71
N PRO E 151 52.95 -5.05 19.42
CA PRO E 151 52.08 -5.85 18.54
C PRO E 151 52.03 -7.31 18.95
N GLY E 152 50.87 -7.93 18.76
CA GLY E 152 50.69 -9.35 18.91
C GLY E 152 49.77 -9.77 20.04
N GLU E 153 49.46 -8.89 20.98
CA GLU E 153 48.63 -9.23 22.13
C GLU E 153 47.39 -8.34 22.19
N SER E 154 46.27 -8.95 22.56
CA SER E 154 44.99 -8.26 22.58
C SER E 154 44.96 -7.19 23.67
N VAL E 155 44.32 -6.06 23.36
CA VAL E 155 44.18 -4.94 24.27
C VAL E 155 42.72 -4.52 24.29
N SER E 156 42.18 -4.27 25.49
CA SER E 156 40.80 -3.88 25.67
C SER E 156 40.72 -2.38 25.99
N ILE E 157 39.90 -1.67 25.24
CA ILE E 157 39.64 -0.25 25.46
C ILE E 157 38.17 -0.09 25.83
N SER E 158 37.90 0.61 26.93
CA SER E 158 36.55 0.73 27.45
C SER E 158 36.22 2.19 27.73
N CYS E 159 34.97 2.56 27.42
CA CYS E 159 34.46 3.89 27.74
C CYS E 159 33.01 3.76 28.18
N ARG E 160 32.66 4.46 29.25
CA ARG E 160 31.37 4.32 29.93
C ARG E 160 30.49 5.53 29.65
N SER E 161 29.19 5.28 29.59
CA SER E 161 28.20 6.33 29.35
C SER E 161 27.46 6.66 30.64
N SER E 162 27.02 7.91 30.74
CA SER E 162 26.27 8.34 31.91
C SER E 162 24.93 7.63 32.01
N LYS E 163 24.23 7.48 30.89
CA LYS E 163 22.95 6.80 30.83
C LYS E 163 23.04 5.61 29.88
N SER E 164 22.18 4.62 30.10
CA SER E 164 22.20 3.43 29.26
C SER E 164 21.81 3.79 27.84
N LEU E 165 22.66 3.40 26.88
CA LEU E 165 22.40 3.70 25.48
C LEU E 165 21.42 2.73 24.84
N LEU E 166 21.04 1.68 25.54
CA LEU E 166 20.06 0.73 25.00
C LEU E 166 18.70 1.40 24.85
N HIS E 167 17.94 0.93 23.87
CA HIS E 167 16.64 1.49 23.54
C HIS E 167 15.59 0.39 23.55
N SER E 168 14.33 0.80 23.61
CA SER E 168 13.23 -0.17 23.58
C SER E 168 13.21 -0.99 22.31
N ASN E 169 13.83 -0.49 21.23
CA ASN E 169 13.94 -1.29 20.01
C ASN E 169 14.83 -2.51 20.24
N GLY E 170 15.87 -2.36 21.05
CA GLY E 170 16.79 -3.44 21.33
C GLY E 170 18.22 -3.19 20.88
N ASN E 171 18.52 -2.06 20.26
CA ASN E 171 19.86 -1.75 19.78
C ASN E 171 20.43 -0.57 20.56
N THR E 172 21.74 -0.60 20.81
CA THR E 172 22.42 0.48 21.52
C THR E 172 23.22 1.30 20.52
N TYR E 173 23.03 2.62 20.52
CA TYR E 173 23.66 3.51 19.56
C TYR E 173 24.96 4.04 20.13
N LEU E 174 25.98 3.18 20.12
CA LEU E 174 27.34 3.57 20.47
C LEU E 174 28.28 3.20 19.34
N TYR E 175 29.13 4.14 18.96
CA TYR E 175 30.02 3.97 17.82
C TYR E 175 31.47 4.08 18.27
N TRP E 176 32.36 3.50 17.47
CA TRP E 176 33.79 3.54 17.70
C TRP E 176 34.49 4.02 16.43
N PHE E 177 35.44 4.94 16.58
CA PHE E 177 36.21 5.45 15.47
C PHE E 177 37.70 5.30 15.73
N LEU E 178 38.45 5.11 14.66
CA LEU E 178 39.90 5.03 14.70
C LEU E 178 40.49 6.20 13.93
N GLN E 179 41.32 7.00 14.59
CA GLN E 179 41.95 8.17 13.99
C GLN E 179 43.45 7.89 13.89
N ARG E 180 43.87 7.40 12.74
CA ARG E 180 45.30 7.19 12.50
C ARG E 180 46.00 8.54 12.50
N PRO E 181 47.26 8.60 12.93
CA PRO E 181 47.98 9.88 12.99
C PRO E 181 48.04 10.54 11.61
N GLY E 182 47.70 11.82 11.57
CA GLY E 182 47.64 12.54 10.31
C GLY E 182 46.63 12.01 9.33
N GLN E 183 45.45 11.60 9.81
CA GLN E 183 44.42 11.04 8.96
C GLN E 183 43.06 11.34 9.56
N SER E 184 42.03 11.28 8.73
CA SER E 184 40.67 11.47 9.20
C SER E 184 40.17 10.23 9.92
N PRO E 185 39.37 10.38 10.97
CA PRO E 185 38.78 9.22 11.64
C PRO E 185 37.87 8.45 10.70
N GLN E 186 37.80 7.13 10.91
CA GLN E 186 36.95 6.26 10.10
C GLN E 186 36.14 5.37 11.02
N LEU E 187 34.96 4.96 10.53
CA LEU E 187 34.08 4.08 11.28
C LEU E 187 34.53 2.64 11.16
N LEU E 188 34.55 1.93 12.29
CA LEU E 188 34.83 0.50 12.30
C LEU E 188 33.88 -0.30 13.16
N ILE E 189 33.11 0.33 14.06
CA ILE E 189 32.10 -0.35 14.85
C ILE E 189 30.91 0.58 15.03
N TYR E 190 29.75 0.20 14.48
CA TYR E 190 28.53 0.97 14.63
C TYR E 190 27.51 0.16 15.41
N ARG E 191 26.84 0.83 16.36
CA ARG E 191 25.86 0.20 17.24
C ARG E 191 26.49 -0.86 18.13
N MET E 192 27.74 -0.63 18.53
CA MET E 192 28.44 -1.35 19.59
C MET E 192 28.79 -2.79 19.23
N SER E 193 28.26 -3.30 18.15
CA SER E 193 28.47 -4.71 17.84
C SER E 193 28.91 -4.96 16.41
N ASN E 194 28.38 -4.19 15.45
CA ASN E 194 28.62 -4.47 14.04
C ASN E 194 30.01 -3.98 13.62
N LEU E 195 30.37 -4.32 12.39
CA LEU E 195 31.67 -3.96 11.83
C LEU E 195 31.43 -3.25 10.51
N ALA E 196 32.07 -2.09 10.34
CA ALA E 196 31.96 -1.35 9.10
C ALA E 196 32.61 -2.13 7.96
N SER E 197 32.03 -1.98 6.76
CA SER E 197 32.60 -2.64 5.59
C SER E 197 33.97 -2.08 5.28
N GLY E 198 34.90 -2.97 4.96
CA GLY E 198 36.27 -2.56 4.65
C GLY E 198 37.24 -2.59 5.80
N VAL E 199 36.88 -3.22 6.92
CA VAL E 199 37.80 -3.34 8.05
C VAL E 199 38.07 -4.81 8.30
N PRO E 200 39.23 -5.17 8.85
CA PRO E 200 39.49 -6.57 9.18
C PRO E 200 38.60 -7.06 10.30
N ASP E 201 38.33 -8.38 10.29
CA ASP E 201 37.45 -8.99 11.28
C ASP E 201 38.07 -9.05 12.66
N ARG E 202 39.35 -8.74 12.81
CA ARG E 202 40.00 -8.83 14.12
C ARG E 202 39.36 -7.87 15.12
N PHE E 203 38.86 -6.73 14.66
CA PHE E 203 38.17 -5.81 15.55
C PHE E 203 36.81 -6.38 15.95
N SER E 204 36.44 -6.16 17.22
CA SER E 204 35.17 -6.64 17.73
C SER E 204 34.88 -5.94 19.06
N GLY E 205 33.63 -5.49 19.23
CA GLY E 205 33.22 -4.81 20.43
C GLY E 205 32.05 -5.53 21.08
N SER E 206 31.72 -5.07 22.28
CA SER E 206 30.63 -5.65 23.06
C SER E 206 30.28 -4.67 24.18
N GLY E 207 29.25 -5.03 24.94
CA GLY E 207 28.85 -4.21 26.06
C GLY E 207 27.39 -4.45 26.40
N SER E 208 26.93 -3.74 27.43
CA SER E 208 25.55 -3.85 27.87
C SER E 208 25.19 -2.58 28.63
N GLY E 209 24.39 -1.72 28.00
CA GLY E 209 23.86 -0.55 28.67
C GLY E 209 24.84 0.60 28.86
N THR E 210 25.81 0.43 29.74
CA THR E 210 26.70 1.52 30.11
C THR E 210 28.17 1.15 29.99
N ALA E 211 28.49 -0.13 30.09
CA ALA E 211 29.87 -0.60 30.04
C ALA E 211 30.16 -1.12 28.64
N PHE E 212 30.91 -0.34 27.87
CA PHE E 212 31.28 -0.68 26.51
C PHE E 212 32.77 -0.98 26.44
N THR E 213 33.13 -1.96 25.62
CA THR E 213 34.53 -2.35 25.48
C THR E 213 34.84 -2.64 24.02
N LEU E 214 36.11 -2.45 23.65
CA LEU E 214 36.61 -2.76 22.32
C LEU E 214 37.79 -3.71 22.44
N THR E 215 37.78 -4.79 21.68
CA THR E 215 38.83 -5.80 21.72
C THR E 215 39.39 -6.01 20.32
N ILE E 216 40.71 -5.89 20.19
CA ILE E 216 41.41 -6.16 18.94
C ILE E 216 42.16 -7.48 19.09
N SER E 217 42.04 -8.35 18.09
CA SER E 217 42.65 -9.66 18.17
C SER E 217 44.17 -9.57 18.23
N ARG E 218 44.76 -8.71 17.39
CA ARG E 218 46.21 -8.57 17.36
C ARG E 218 46.57 -7.21 16.78
N LEU E 219 47.58 -6.58 17.36
CA LEU E 219 48.03 -5.27 16.91
C LEU E 219 48.88 -5.40 15.65
N GLU E 220 48.57 -4.56 14.66
CA GLU E 220 49.37 -4.42 13.46
C GLU E 220 50.13 -3.10 13.51
N ALA E 221 50.92 -2.84 12.46
CA ALA E 221 51.66 -1.59 12.38
C ALA E 221 50.78 -0.41 12.00
N GLU E 222 49.74 -0.67 11.21
CA GLU E 222 48.88 0.40 10.69
C GLU E 222 47.69 0.71 11.57
N ASP E 223 47.46 -0.06 12.64
CA ASP E 223 46.31 0.18 13.50
C ASP E 223 46.59 1.26 14.53
N VAL E 224 47.87 1.59 14.76
CA VAL E 224 48.24 2.60 15.74
C VAL E 224 47.47 3.91 15.48
N GLY E 225 46.94 4.48 16.55
CA GLY E 225 46.16 5.70 16.44
C GLY E 225 45.44 6.01 17.74
N VAL E 226 44.32 6.70 17.61
CA VAL E 226 43.50 7.11 18.76
C VAL E 226 42.07 6.65 18.52
N TYR E 227 41.44 6.13 19.57
CA TYR E 227 40.10 5.56 19.48
C TYR E 227 39.10 6.48 20.18
N TYR E 228 38.02 6.80 19.49
CA TYR E 228 36.94 7.63 20.01
C TYR E 228 35.65 6.84 20.07
N CYS E 229 34.81 7.17 21.05
CA CYS E 229 33.47 6.60 21.16
C CYS E 229 32.44 7.70 21.31
N MET E 230 31.34 7.57 20.57
CA MET E 230 30.29 8.59 20.54
C MET E 230 28.93 7.93 20.64
N GLN E 231 28.00 8.62 21.30
CA GLN E 231 26.62 8.17 21.43
C GLN E 231 25.74 8.87 20.40
N HIS E 232 24.64 8.21 20.03
CA HIS E 232 23.78 8.74 18.99
C HIS E 232 22.29 8.58 19.27
N LEU E 233 21.89 8.44 20.54
CA LEU E 233 20.46 8.35 20.84
C LEU E 233 19.74 9.64 20.47
N GLU E 234 20.24 10.76 20.95
CA GLU E 234 19.62 12.05 20.69
C GLU E 234 20.69 13.13 20.67
N TYR E 235 20.42 14.17 19.92
CA TYR E 235 21.33 15.30 19.78
C TYR E 235 21.28 16.19 21.02
N PRO E 236 22.42 16.75 21.44
CA PRO E 236 23.74 16.68 20.81
C PRO E 236 24.44 15.35 21.05
N LEU E 237 25.26 14.92 20.09
CA LEU E 237 25.97 13.65 20.18
C LEU E 237 27.36 13.92 20.73
N THR E 238 27.56 13.57 22.00
CA THR E 238 28.83 13.83 22.67
C THR E 238 29.83 12.72 22.35
N PHE E 239 31.01 13.11 21.89
CA PHE E 239 32.09 12.17 21.66
C PHE E 239 32.78 11.87 22.99
N GLY E 240 33.93 11.20 22.94
CA GLY E 240 34.68 10.88 24.13
C GLY E 240 36.14 11.24 23.96
N ALA E 241 36.79 11.47 25.10
CA ALA E 241 38.21 11.77 25.10
C ALA E 241 38.98 10.59 24.51
N GLY E 242 39.66 10.83 23.39
CA GLY E 242 40.29 9.74 22.67
C GLY E 242 41.36 9.06 23.50
N THR E 243 41.46 7.75 23.34
CA THR E 243 42.48 6.94 24.00
C THR E 243 43.48 6.47 22.96
N LYS E 244 44.75 6.78 23.19
CA LYS E 244 45.81 6.51 22.22
C LYS E 244 46.57 5.25 22.61
N LEU E 245 46.93 4.46 21.60
CA LEU E 245 47.71 3.25 21.81
C LEU E 245 48.94 3.31 20.89
N GLU E 246 50.09 2.89 21.44
CA GLU E 246 51.35 2.96 20.71
C GLU E 246 52.10 1.65 20.87
N LEU E 247 52.98 1.37 19.91
CA LEU E 247 53.79 0.16 19.94
C LEU E 247 54.80 0.19 21.08
#